data_2LXW
#
_entry.id   2LXW
#
loop_
_entity.id
_entity.type
_entity.pdbx_description
1 polymer 'XIAP-associated factor 1'
2 non-polymer 'ZINC ION'
#
_entity_poly.entity_id   1
_entity_poly.type   'polypeptide(L)'
_entity_poly.pdbx_seq_one_letter_code
;GSEFTSSPRGDKAAYDILRRCSQCGILLPLPILNQHQEKCRWLASSKGKQVRNFS
;
_entity_poly.pdbx_strand_id   A
#
loop_
_chem_comp.id
_chem_comp.type
_chem_comp.name
_chem_comp.formula
ZN non-polymer 'ZINC ION' 'Zn 2'
#
# COMPACT_ATOMS: atom_id res chain seq x y z
N GLY A 1 -22.11 -0.59 -17.61
CA GLY A 1 -20.86 0.20 -17.53
C GLY A 1 -19.80 -0.48 -16.66
N SER A 2 -18.54 -0.06 -16.83
CA SER A 2 -17.37 -0.59 -16.10
C SER A 2 -16.50 0.54 -15.51
N GLU A 3 -17.14 1.67 -15.18
CA GLU A 3 -16.55 2.82 -14.48
C GLU A 3 -16.09 2.50 -13.03
N PHE A 4 -15.46 3.48 -12.38
CA PHE A 4 -14.99 3.44 -10.98
C PHE A 4 -15.44 4.69 -10.20
N THR A 5 -15.09 4.78 -8.91
CA THR A 5 -15.45 5.89 -8.00
C THR A 5 -16.98 6.08 -7.91
N SER A 6 -17.72 4.97 -7.81
CA SER A 6 -19.19 4.90 -7.85
C SER A 6 -19.81 4.10 -6.69
N SER A 7 -19.01 3.85 -5.63
CA SER A 7 -19.34 3.02 -4.46
C SER A 7 -19.30 3.83 -3.15
N PRO A 8 -20.02 3.40 -2.09
CA PRO A 8 -20.01 4.09 -0.80
C PRO A 8 -18.66 3.95 -0.09
N ARG A 9 -18.08 5.09 0.32
CA ARG A 9 -16.79 5.20 1.02
C ARG A 9 -16.74 6.49 1.86
N GLY A 10 -15.77 6.62 2.76
CA GLY A 10 -15.59 7.80 3.61
C GLY A 10 -15.34 9.10 2.81
N ASP A 11 -15.65 10.24 3.43
CA ASP A 11 -15.52 11.59 2.83
C ASP A 11 -14.40 12.39 3.52
N LYS A 12 -13.52 13.00 2.70
CA LYS A 12 -12.38 13.84 3.11
C LYS A 12 -12.02 14.83 1.99
N ALA A 13 -11.18 15.82 2.29
CA ALA A 13 -10.70 16.85 1.36
C ALA A 13 -9.16 16.91 1.26
N ALA A 14 -8.47 15.81 1.61
CA ALA A 14 -7.01 15.68 1.63
C ALA A 14 -6.50 14.37 0.98
N TYR A 15 -7.36 13.63 0.26
CA TYR A 15 -7.01 12.38 -0.43
C TYR A 15 -6.05 12.57 -1.62
N ASP A 16 -5.75 13.81 -2.02
CA ASP A 16 -4.81 14.18 -3.09
C ASP A 16 -3.35 14.29 -2.63
N ILE A 17 -3.08 14.68 -1.36
CA ILE A 17 -1.73 14.71 -0.78
C ILE A 17 -1.30 13.34 -0.29
N LEU A 18 -2.21 12.59 0.37
CA LEU A 18 -1.97 11.20 0.77
C LEU A 18 -1.73 10.29 -0.44
N ARG A 19 -1.01 9.18 -0.23
CA ARG A 19 -0.77 8.11 -1.21
C ARG A 19 -1.16 6.76 -0.60
N ARG A 20 -1.72 5.87 -1.43
CA ARG A 20 -2.19 4.53 -1.04
C ARG A 20 -1.54 3.43 -1.91
N CYS A 21 -1.47 2.22 -1.36
CA CYS A 21 -0.81 1.07 -1.97
C CYS A 21 -1.84 -0.02 -2.34
N SER A 22 -1.95 -0.31 -3.64
CA SER A 22 -2.94 -1.23 -4.21
C SER A 22 -2.84 -2.69 -3.70
N GLN A 23 -1.74 -3.05 -3.03
CA GLN A 23 -1.48 -4.38 -2.46
C GLN A 23 -1.38 -4.39 -0.91
N CYS A 24 -1.48 -3.23 -0.25
CA CYS A 24 -1.31 -3.09 1.21
C CYS A 24 -2.46 -2.35 1.91
N GLY A 25 -3.18 -1.45 1.22
CA GLY A 25 -4.36 -0.72 1.72
C GLY A 25 -4.09 0.41 2.73
N ILE A 26 -2.83 0.61 3.16
CA ILE A 26 -2.40 1.71 4.04
C ILE A 26 -2.28 3.04 3.29
N LEU A 27 -2.38 4.17 4.01
CA LEU A 27 -2.23 5.54 3.48
C LEU A 27 -1.11 6.28 4.22
N LEU A 28 -0.21 6.92 3.47
CA LEU A 28 0.95 7.67 3.98
C LEU A 28 0.99 9.10 3.38
N PRO A 29 1.53 10.11 4.09
CA PRO A 29 1.59 11.49 3.59
C PRO A 29 2.65 11.70 2.49
N LEU A 30 3.94 11.59 2.83
CA LEU A 30 5.08 11.79 1.91
C LEU A 30 6.42 11.27 2.51
N PRO A 31 6.90 11.71 3.70
CA PRO A 31 8.16 11.21 4.24
C PRO A 31 8.08 9.77 4.76
N ILE A 32 6.97 9.36 5.37
CA ILE A 32 6.74 7.97 5.82
C ILE A 32 6.50 7.01 4.63
N LEU A 33 5.99 7.53 3.49
CA LEU A 33 5.83 6.74 2.25
C LEU A 33 7.15 6.10 1.79
N ASN A 34 8.30 6.73 2.04
CA ASN A 34 9.62 6.16 1.72
C ASN A 34 9.84 4.78 2.36
N GLN A 35 9.47 4.60 3.63
CA GLN A 35 9.56 3.31 4.32
C GLN A 35 8.63 2.27 3.68
N HIS A 36 7.41 2.65 3.30
CA HIS A 36 6.51 1.75 2.56
C HIS A 36 7.11 1.37 1.21
N GLN A 37 7.57 2.35 0.41
CA GLN A 37 8.16 2.12 -0.90
C GLN A 37 9.32 1.11 -0.86
N GLU A 38 10.24 1.23 0.10
CA GLU A 38 11.34 0.27 0.25
C GLU A 38 10.85 -1.15 0.63
N LYS A 39 9.97 -1.28 1.63
CA LYS A 39 9.49 -2.58 2.14
C LYS A 39 8.58 -3.30 1.14
N CYS A 40 7.63 -2.57 0.55
CA CYS A 40 6.69 -3.05 -0.47
C CYS A 40 7.44 -3.49 -1.75
N ARG A 41 8.46 -2.73 -2.20
CA ARG A 41 9.40 -3.11 -3.26
C ARG A 41 10.17 -4.39 -2.92
N TRP A 42 10.74 -4.50 -1.72
CA TRP A 42 11.49 -5.69 -1.30
C TRP A 42 10.63 -6.95 -1.33
N LEU A 43 9.40 -6.88 -0.78
CA LEU A 43 8.41 -7.96 -0.84
C LEU A 43 8.04 -8.32 -2.29
N ALA A 44 7.67 -7.34 -3.12
CA ALA A 44 7.29 -7.58 -4.51
C ALA A 44 8.43 -8.20 -5.35
N SER A 45 9.68 -7.80 -5.11
CA SER A 45 10.88 -8.38 -5.72
C SER A 45 11.15 -9.81 -5.24
N SER A 46 11.01 -10.07 -3.93
CA SER A 46 11.18 -11.39 -3.31
C SER A 46 10.09 -12.41 -3.72
N LYS A 47 8.85 -11.94 -3.94
CA LYS A 47 7.67 -12.71 -4.37
C LYS A 47 7.73 -13.12 -5.86
N GLY A 48 8.76 -13.87 -6.23
CA GLY A 48 9.08 -14.31 -7.60
C GLY A 48 9.12 -15.83 -7.72
N LYS A 49 7.95 -16.46 -7.86
CA LYS A 49 7.76 -17.92 -8.00
C LYS A 49 7.03 -18.30 -9.30
N GLN A 50 7.21 -19.54 -9.74
CA GLN A 50 6.74 -20.08 -11.04
C GLN A 50 7.15 -19.21 -12.26
N VAL A 51 8.24 -18.45 -12.14
CA VAL A 51 8.77 -17.58 -13.21
C VAL A 51 9.35 -18.38 -14.38
N ARG A 52 9.18 -17.89 -15.61
CA ARG A 52 9.75 -18.47 -16.84
C ARG A 52 9.83 -17.42 -17.96
N ASN A 53 11.04 -17.17 -18.46
CA ASN A 53 11.32 -16.26 -19.58
C ASN A 53 12.66 -16.61 -20.26
N PHE A 54 12.64 -16.77 -21.59
CA PHE A 54 13.79 -17.07 -22.45
C PHE A 54 13.53 -16.60 -23.91
N SER A 55 14.61 -16.49 -24.70
CA SER A 55 14.60 -16.10 -26.13
C SER A 55 14.58 -17.30 -27.08
ZN ZN B . 2.43 -1.74 -0.50
N GLY A 1 -1.17 -21.71 1.27
CA GLY A 1 -1.87 -21.83 2.57
C GLY A 1 -3.38 -21.66 2.40
N SER A 2 -3.91 -20.53 2.87
CA SER A 2 -5.34 -20.16 2.79
C SER A 2 -5.52 -18.65 2.58
N GLU A 3 -6.75 -18.23 2.28
CA GLU A 3 -7.09 -16.85 1.85
C GLU A 3 -8.27 -16.31 2.67
N PHE A 4 -7.95 -15.51 3.70
CA PHE A 4 -8.89 -14.94 4.68
C PHE A 4 -8.73 -13.42 4.84
N THR A 5 -8.10 -12.76 3.87
CA THR A 5 -7.82 -11.31 3.84
C THR A 5 -9.07 -10.45 4.12
N SER A 6 -8.92 -9.43 4.96
CA SER A 6 -9.96 -8.45 5.29
C SER A 6 -9.35 -7.15 5.82
N SER A 7 -9.84 -6.01 5.30
CA SER A 7 -9.36 -4.64 5.60
C SER A 7 -10.50 -3.62 5.43
N PRO A 8 -10.45 -2.46 6.13
CA PRO A 8 -11.44 -1.39 5.99
C PRO A 8 -11.33 -0.65 4.65
N ARG A 9 -12.40 0.08 4.29
CA ARG A 9 -12.50 0.94 3.09
C ARG A 9 -11.54 2.14 3.06
N GLY A 10 -10.96 2.53 4.19
CA GLY A 10 -9.97 3.60 4.30
C GLY A 10 -10.52 5.01 4.03
N ASP A 11 -11.78 5.26 4.40
CA ASP A 11 -12.45 6.56 4.22
C ASP A 11 -11.68 7.71 4.90
N LYS A 12 -11.19 8.67 4.10
CA LYS A 12 -10.36 9.80 4.52
C LYS A 12 -10.66 11.02 3.64
N ALA A 13 -10.68 12.22 4.23
CA ALA A 13 -10.99 13.49 3.56
C ALA A 13 -9.82 14.06 2.70
N ALA A 14 -8.77 13.27 2.43
CA ALA A 14 -7.59 13.68 1.66
C ALA A 14 -7.09 12.54 0.75
N TYR A 15 -6.73 12.88 -0.49
CA TYR A 15 -6.22 11.95 -1.50
C TYR A 15 -5.18 12.59 -2.47
N ASP A 16 -5.01 13.91 -2.44
CA ASP A 16 -4.02 14.64 -3.26
C ASP A 16 -2.61 14.62 -2.62
N ILE A 17 -2.50 14.89 -1.32
CA ILE A 17 -1.24 14.81 -0.56
C ILE A 17 -0.94 13.37 -0.12
N LEU A 18 -1.92 12.66 0.46
CA LEU A 18 -1.77 11.27 0.86
C LEU A 18 -1.58 10.35 -0.36
N ARG A 19 -0.93 9.21 -0.15
CA ARG A 19 -0.66 8.17 -1.16
C ARG A 19 -1.00 6.80 -0.60
N ARG A 20 -1.65 5.97 -1.40
CA ARG A 20 -2.08 4.60 -1.05
C ARG A 20 -1.31 3.53 -1.82
N CYS A 21 -1.23 2.32 -1.23
CA CYS A 21 -0.58 1.15 -1.79
C CYS A 21 -1.63 0.15 -2.30
N SER A 22 -1.62 -0.13 -3.61
CA SER A 22 -2.57 -1.02 -4.29
C SER A 22 -2.55 -2.48 -3.80
N GLN A 23 -1.49 -2.88 -3.07
CA GLN A 23 -1.29 -4.24 -2.54
C GLN A 23 -1.35 -4.34 -1.00
N CYS A 24 -1.47 -3.20 -0.29
CA CYS A 24 -1.43 -3.13 1.18
C CYS A 24 -2.62 -2.37 1.80
N GLY A 25 -3.24 -1.44 1.07
CA GLY A 25 -4.41 -0.66 1.51
C GLY A 25 -4.14 0.48 2.53
N ILE A 26 -2.91 0.58 3.04
CA ILE A 26 -2.45 1.68 3.91
C ILE A 26 -2.39 3.03 3.15
N LEU A 27 -2.48 4.15 3.88
CA LEU A 27 -2.28 5.51 3.38
C LEU A 27 -1.14 6.17 4.17
N LEU A 28 -0.17 6.79 3.48
CA LEU A 28 0.97 7.52 4.06
C LEU A 28 1.02 8.97 3.52
N PRO A 29 1.56 9.95 4.28
CA PRO A 29 1.66 11.33 3.83
C PRO A 29 2.71 11.54 2.72
N LEU A 30 4.01 11.44 3.04
CA LEU A 30 5.13 11.68 2.10
C LEU A 30 6.48 11.19 2.66
N PRO A 31 6.95 11.62 3.85
CA PRO A 31 8.21 11.12 4.41
C PRO A 31 8.11 9.66 4.88
N ILE A 32 6.96 9.25 5.41
CA ILE A 32 6.68 7.86 5.84
C ILE A 32 6.45 6.93 4.63
N LEU A 33 5.93 7.47 3.51
CA LEU A 33 5.73 6.71 2.27
C LEU A 33 7.02 6.09 1.75
N ASN A 34 8.17 6.75 1.91
CA ASN A 34 9.47 6.22 1.50
C ASN A 34 9.81 4.86 2.15
N GLN A 35 9.47 4.68 3.43
CA GLN A 35 9.63 3.40 4.15
C GLN A 35 8.70 2.32 3.59
N HIS A 36 7.41 2.62 3.37
CA HIS A 36 6.51 1.64 2.75
C HIS A 36 6.97 1.30 1.33
N GLN A 37 7.32 2.30 0.52
CA GLN A 37 7.71 2.12 -0.88
C GLN A 37 8.90 1.15 -1.02
N GLU A 38 9.99 1.35 -0.27
CA GLU A 38 11.15 0.43 -0.36
C GLU A 38 10.84 -0.97 0.19
N LYS A 39 10.11 -1.09 1.31
CA LYS A 39 9.77 -2.39 1.93
C LYS A 39 8.79 -3.20 1.07
N CYS A 40 7.71 -2.57 0.61
CA CYS A 40 6.67 -3.16 -0.23
C CYS A 40 7.26 -3.64 -1.58
N ARG A 41 8.07 -2.79 -2.23
CA ARG A 41 8.84 -3.14 -3.45
C ARG A 41 9.78 -4.31 -3.22
N TRP A 42 10.56 -4.31 -2.13
CA TRP A 42 11.48 -5.41 -1.79
C TRP A 42 10.73 -6.73 -1.58
N LEU A 43 9.67 -6.74 -0.77
CA LEU A 43 8.87 -7.93 -0.48
C LEU A 43 8.22 -8.49 -1.76
N ALA A 44 7.65 -7.62 -2.59
CA ALA A 44 7.09 -7.99 -3.89
C ALA A 44 8.15 -8.60 -4.83
N SER A 45 9.32 -7.96 -4.95
CA SER A 45 10.44 -8.42 -5.79
C SER A 45 11.00 -9.78 -5.34
N SER A 46 11.19 -9.97 -4.02
CA SER A 46 11.63 -11.24 -3.42
C SER A 46 10.57 -12.35 -3.42
N LYS A 47 9.28 -12.02 -3.64
CA LYS A 47 8.13 -12.95 -3.64
C LYS A 47 8.10 -13.85 -2.38
N GLY A 48 8.52 -13.29 -1.24
CA GLY A 48 8.76 -14.03 0.02
C GLY A 48 7.48 -14.43 0.79
N LYS A 49 6.33 -13.86 0.43
CA LYS A 49 5.00 -14.19 0.95
C LYS A 49 3.96 -14.10 -0.18
N GLN A 50 2.85 -14.84 -0.04
CA GLN A 50 1.84 -15.06 -1.08
C GLN A 50 0.40 -14.84 -0.57
N VAL A 51 0.20 -13.78 0.22
CA VAL A 51 -1.12 -13.33 0.74
C VAL A 51 -2.10 -12.83 -0.35
N ARG A 52 -1.66 -12.74 -1.61
CA ARG A 52 -2.44 -12.30 -2.78
C ARG A 52 -2.26 -13.23 -3.99
N ASN A 53 -3.22 -13.17 -4.92
CA ASN A 53 -3.30 -14.01 -6.12
C ASN A 53 -3.87 -13.20 -7.30
N PHE A 54 -3.34 -13.44 -8.51
CA PHE A 54 -3.78 -12.83 -9.77
C PHE A 54 -3.44 -13.73 -10.97
N SER A 55 -3.99 -13.41 -12.15
CA SER A 55 -3.85 -14.18 -13.41
C SER A 55 -3.05 -13.41 -14.47
ZN ZN B . 2.39 -1.92 -0.16
N GLY A 1 -13.32 -2.55 35.35
CA GLY A 1 -13.93 -3.91 35.41
C GLY A 1 -14.51 -4.33 34.07
N SER A 2 -13.68 -4.92 33.19
CA SER A 2 -14.06 -5.52 31.88
C SER A 2 -14.87 -4.60 30.92
N GLU A 3 -14.74 -3.28 31.05
CA GLU A 3 -15.42 -2.30 30.19
C GLU A 3 -14.70 -2.16 28.83
N PHE A 4 -15.46 -2.22 27.74
CA PHE A 4 -15.00 -2.05 26.36
C PHE A 4 -16.02 -1.24 25.54
N THR A 5 -15.53 -0.33 24.70
CA THR A 5 -16.31 0.58 23.83
C THR A 5 -15.49 0.91 22.59
N SER A 6 -16.15 1.11 21.44
CA SER A 6 -15.50 1.53 20.19
C SER A 6 -14.81 2.91 20.31
N SER A 7 -13.61 3.03 19.74
CA SER A 7 -12.83 4.28 19.70
C SER A 7 -13.52 5.37 18.84
N PRO A 8 -13.28 6.67 19.12
CA PRO A 8 -13.84 7.76 18.32
C PRO A 8 -13.25 7.81 16.89
N ARG A 9 -14.07 8.23 15.92
CA ARG A 9 -13.73 8.37 14.49
C ARG A 9 -14.47 9.58 13.89
N GLY A 10 -13.84 10.29 12.95
CA GLY A 10 -14.43 11.50 12.34
C GLY A 10 -13.39 12.46 11.73
N ASP A 11 -12.63 12.01 10.74
CA ASP A 11 -11.61 12.82 10.05
C ASP A 11 -11.55 12.51 8.54
N LYS A 12 -11.10 13.49 7.74
CA LYS A 12 -10.97 13.41 6.27
C LYS A 12 -9.84 14.32 5.78
N ALA A 13 -8.92 13.75 4.99
CA ALA A 13 -7.67 14.41 4.56
C ALA A 13 -7.32 14.10 3.08
N ALA A 14 -8.33 13.77 2.27
CA ALA A 14 -8.25 13.36 0.86
C ALA A 14 -7.87 14.49 -0.14
N TYR A 15 -7.05 15.46 0.26
CA TYR A 15 -6.62 16.65 -0.51
C TYR A 15 -5.60 16.32 -1.64
N ASP A 16 -5.64 15.09 -2.19
CA ASP A 16 -4.70 14.51 -3.16
C ASP A 16 -3.21 14.48 -2.73
N ILE A 17 -2.93 14.79 -1.46
CA ILE A 17 -1.58 14.78 -0.86
C ILE A 17 -1.17 13.37 -0.40
N LEU A 18 -2.09 12.63 0.22
CA LEU A 18 -1.87 11.24 0.66
C LEU A 18 -1.62 10.31 -0.54
N ARG A 19 -0.91 9.20 -0.30
CA ARG A 19 -0.65 8.13 -1.28
C ARG A 19 -1.01 6.77 -0.62
N ARG A 20 -1.70 5.91 -1.37
CA ARG A 20 -2.19 4.60 -0.91
C ARG A 20 -1.62 3.44 -1.73
N CYS A 21 -1.31 2.33 -1.08
CA CYS A 21 -0.82 1.12 -1.71
C CYS A 21 -2.00 0.25 -2.21
N SER A 22 -2.00 -0.07 -3.51
CA SER A 22 -3.03 -0.91 -4.16
C SER A 22 -3.06 -2.35 -3.63
N GLN A 23 -2.01 -2.79 -2.92
CA GLN A 23 -1.88 -4.15 -2.37
C GLN A 23 -1.87 -4.18 -0.83
N CYS A 24 -1.38 -3.13 -0.16
CA CYS A 24 -1.26 -3.08 1.30
C CYS A 24 -2.41 -2.32 1.99
N GLY A 25 -3.11 -1.42 1.27
CA GLY A 25 -4.30 -0.69 1.74
C GLY A 25 -4.06 0.49 2.70
N ILE A 26 -2.85 0.62 3.26
CA ILE A 26 -2.42 1.77 4.09
C ILE A 26 -2.34 3.08 3.27
N LEU A 27 -2.47 4.22 3.96
CA LEU A 27 -2.30 5.57 3.41
C LEU A 27 -1.18 6.29 4.17
N LEU A 28 -0.25 6.91 3.44
CA LEU A 28 0.91 7.64 3.98
C LEU A 28 0.95 9.07 3.44
N PRO A 29 1.48 10.06 4.19
CA PRO A 29 1.55 11.47 3.76
C PRO A 29 2.57 11.71 2.64
N LEU A 30 3.88 11.61 2.93
CA LEU A 30 4.98 11.85 1.98
C LEU A 30 6.34 11.30 2.47
N PRO A 31 6.85 11.66 3.68
CA PRO A 31 8.12 11.12 4.18
C PRO A 31 7.99 9.66 4.67
N ILE A 32 6.88 9.32 5.35
CA ILE A 32 6.62 7.96 5.85
C ILE A 32 6.42 6.95 4.69
N LEU A 33 5.92 7.43 3.54
CA LEU A 33 5.80 6.65 2.31
C LEU A 33 7.13 6.03 1.87
N ASN A 34 8.28 6.68 2.13
CA ASN A 34 9.61 6.17 1.77
C ASN A 34 9.88 4.77 2.36
N GLN A 35 9.49 4.53 3.62
CA GLN A 35 9.56 3.22 4.28
C GLN A 35 8.63 2.20 3.60
N HIS A 36 7.41 2.60 3.19
CA HIS A 36 6.55 1.71 2.42
C HIS A 36 7.16 1.38 1.06
N GLN A 37 7.70 2.35 0.33
CA GLN A 37 8.27 2.13 -1.00
C GLN A 37 9.38 1.08 -0.99
N GLU A 38 10.31 1.13 -0.02
CA GLU A 38 11.36 0.11 0.09
C GLU A 38 10.81 -1.27 0.54
N LYS A 39 9.87 -1.34 1.50
CA LYS A 39 9.30 -2.61 1.97
C LYS A 39 8.45 -3.31 0.91
N CYS A 40 7.52 -2.57 0.29
CA CYS A 40 6.60 -3.06 -0.74
C CYS A 40 7.40 -3.55 -1.97
N ARG A 41 8.43 -2.79 -2.40
CA ARG A 41 9.42 -3.20 -3.40
C ARG A 41 10.18 -4.47 -2.99
N TRP A 42 10.74 -4.53 -1.79
CA TRP A 42 11.55 -5.66 -1.33
C TRP A 42 10.74 -6.97 -1.35
N LEU A 43 9.50 -6.95 -0.83
CA LEU A 43 8.62 -8.11 -0.82
C LEU A 43 8.21 -8.52 -2.24
N ALA A 44 7.81 -7.56 -3.08
CA ALA A 44 7.47 -7.81 -4.50
C ALA A 44 8.65 -8.34 -5.33
N SER A 45 9.89 -7.93 -5.02
CA SER A 45 11.12 -8.45 -5.64
C SER A 45 11.49 -9.85 -5.11
N SER A 46 11.30 -10.09 -3.80
CA SER A 46 11.52 -11.38 -3.14
C SER A 46 10.54 -12.48 -3.57
N LYS A 47 9.29 -12.10 -3.90
CA LYS A 47 8.16 -12.99 -4.24
C LYS A 47 7.86 -14.06 -3.15
N GLY A 48 8.21 -13.78 -1.89
CA GLY A 48 8.04 -14.69 -0.75
C GLY A 48 6.59 -14.92 -0.32
N LYS A 49 6.36 -15.98 0.46
CA LYS A 49 5.04 -16.43 0.94
C LYS A 49 4.55 -15.61 2.15
N GLN A 50 4.00 -14.42 1.87
CA GLN A 50 3.24 -13.61 2.82
C GLN A 50 1.81 -14.18 3.05
N VAL A 51 1.09 -13.69 4.05
CA VAL A 51 -0.31 -14.06 4.39
C VAL A 51 -1.24 -12.84 4.36
N ARG A 52 -2.53 -13.06 4.13
CA ARG A 52 -3.56 -12.01 3.96
C ARG A 52 -4.96 -12.43 4.41
N ASN A 53 -5.90 -11.48 4.43
CA ASN A 53 -7.31 -11.69 4.77
C ASN A 53 -8.34 -11.06 3.78
N PHE A 54 -7.93 -10.11 2.93
CA PHE A 54 -8.83 -9.42 1.97
C PHE A 54 -8.18 -9.01 0.63
N SER A 55 -6.83 -8.91 0.58
CA SER A 55 -6.07 -8.39 -0.59
C SER A 55 -4.86 -9.26 -0.93
ZN ZN B . 2.33 -1.86 -0.42
N GLY A 1 -5.55 -13.24 -4.18
CA GLY A 1 -6.83 -12.92 -4.84
C GLY A 1 -6.85 -11.51 -5.42
N SER A 2 -8.02 -11.07 -5.89
CA SER A 2 -8.26 -9.74 -6.47
C SER A 2 -9.43 -9.08 -5.74
N GLU A 3 -9.13 -8.06 -4.93
CA GLU A 3 -10.03 -7.48 -3.93
C GLU A 3 -10.97 -6.40 -4.52
N PHE A 4 -11.63 -6.70 -5.65
CA PHE A 4 -12.46 -5.79 -6.46
C PHE A 4 -13.37 -4.85 -5.66
N THR A 5 -14.08 -5.39 -4.66
CA THR A 5 -15.05 -4.66 -3.80
C THR A 5 -14.95 -5.06 -2.32
N SER A 6 -13.97 -5.89 -1.94
CA SER A 6 -13.83 -6.50 -0.61
C SER A 6 -13.04 -5.60 0.38
N SER A 7 -13.39 -4.31 0.41
CA SER A 7 -12.71 -3.26 1.21
C SER A 7 -13.71 -2.26 1.80
N PRO A 8 -13.40 -1.59 2.93
CA PRO A 8 -14.26 -0.57 3.53
C PRO A 8 -14.37 0.69 2.66
N ARG A 9 -15.49 1.41 2.77
CA ARG A 9 -15.78 2.64 1.99
C ARG A 9 -14.80 3.79 2.27
N GLY A 10 -14.39 3.95 3.54
CA GLY A 10 -13.51 5.05 3.99
C GLY A 10 -13.96 6.43 3.49
N ASP A 11 -13.02 7.21 2.95
CA ASP A 11 -13.27 8.48 2.25
C ASP A 11 -12.27 8.70 1.09
N LYS A 12 -12.59 9.64 0.19
CA LYS A 12 -11.82 9.95 -1.02
C LYS A 12 -10.56 10.79 -0.71
N ALA A 13 -9.52 10.11 -0.21
CA ALA A 13 -8.21 10.68 0.14
C ALA A 13 -7.39 11.28 -1.04
N ALA A 14 -7.87 11.13 -2.28
CA ALA A 14 -7.26 11.60 -3.54
C ALA A 14 -7.28 13.14 -3.71
N TYR A 15 -6.66 13.88 -2.79
CA TYR A 15 -6.61 15.35 -2.73
C TYR A 15 -5.14 15.87 -2.69
N ASP A 16 -4.22 15.13 -3.32
CA ASP A 16 -2.77 15.41 -3.38
C ASP A 16 -2.12 15.68 -2.00
N ILE A 17 -2.54 14.90 -1.00
CA ILE A 17 -2.18 15.02 0.43
C ILE A 17 -1.69 13.69 1.03
N LEU A 18 -2.19 12.56 0.54
CA LEU A 18 -1.80 11.19 0.92
C LEU A 18 -1.64 10.34 -0.35
N ARG A 19 -1.01 9.17 -0.21
CA ARG A 19 -0.94 8.11 -1.24
C ARG A 19 -1.30 6.76 -0.62
N ARG A 20 -2.09 5.96 -1.33
CA ARG A 20 -2.45 4.58 -0.97
C ARG A 20 -1.60 3.55 -1.73
N CYS A 21 -1.39 2.39 -1.11
CA CYS A 21 -0.73 1.23 -1.71
C CYS A 21 -1.79 0.23 -2.22
N SER A 22 -1.78 -0.05 -3.52
CA SER A 22 -2.74 -0.95 -4.21
C SER A 22 -2.59 -2.44 -3.82
N GLN A 23 -1.58 -2.79 -3.04
CA GLN A 23 -1.28 -4.17 -2.59
C GLN A 23 -1.27 -4.32 -1.05
N CYS A 24 -1.41 -3.22 -0.30
CA CYS A 24 -1.29 -3.19 1.17
C CYS A 24 -2.47 -2.47 1.87
N GLY A 25 -3.15 -1.54 1.19
CA GLY A 25 -4.31 -0.80 1.69
C GLY A 25 -4.02 0.34 2.69
N ILE A 26 -2.77 0.48 3.14
CA ILE A 26 -2.29 1.60 3.98
C ILE A 26 -2.27 2.94 3.22
N LEU A 27 -2.35 4.06 3.94
CA LEU A 27 -2.19 5.43 3.42
C LEU A 27 -1.07 6.17 4.18
N LEU A 28 -0.14 6.79 3.44
CA LEU A 28 0.99 7.57 3.98
C LEU A 28 1.02 8.97 3.32
N PRO A 29 1.54 10.02 3.98
CA PRO A 29 1.59 11.38 3.42
C PRO A 29 2.64 11.55 2.31
N LEU A 30 3.94 11.50 2.66
CA LEU A 30 5.08 11.72 1.75
C LEU A 30 6.42 11.20 2.32
N PRO A 31 6.89 11.62 3.51
CA PRO A 31 8.16 11.12 4.06
C PRO A 31 8.05 9.71 4.66
N ILE A 32 6.94 9.36 5.32
CA ILE A 32 6.70 7.98 5.83
C ILE A 32 6.47 7.00 4.67
N LEU A 33 5.98 7.47 3.51
CA LEU A 33 5.84 6.65 2.30
C LEU A 33 7.18 6.05 1.84
N ASN A 34 8.33 6.69 2.10
CA ASN A 34 9.64 6.12 1.75
C ASN A 34 9.90 4.76 2.44
N GLN A 35 9.49 4.61 3.71
CA GLN A 35 9.61 3.35 4.44
C GLN A 35 8.70 2.26 3.84
N HIS A 36 7.44 2.59 3.54
CA HIS A 36 6.55 1.63 2.87
C HIS A 36 7.08 1.28 1.47
N GLN A 37 7.50 2.26 0.68
CA GLN A 37 7.98 2.08 -0.69
C GLN A 37 9.15 1.09 -0.76
N GLU A 38 10.20 1.25 0.07
CA GLU A 38 11.32 0.29 0.06
C GLU A 38 10.90 -1.12 0.51
N LYS A 39 10.06 -1.24 1.54
CA LYS A 39 9.64 -2.55 2.10
C LYS A 39 8.69 -3.29 1.15
N CYS A 40 7.66 -2.59 0.66
CA CYS A 40 6.66 -3.07 -0.29
C CYS A 40 7.32 -3.51 -1.63
N ARG A 41 8.26 -2.70 -2.16
CA ARG A 41 9.08 -3.04 -3.33
C ARG A 41 9.96 -4.28 -3.09
N TRP A 42 10.67 -4.34 -1.96
CA TRP A 42 11.54 -5.48 -1.63
C TRP A 42 10.75 -6.80 -1.47
N LEU A 43 9.58 -6.74 -0.81
CA LEU A 43 8.67 -7.88 -0.76
C LEU A 43 8.16 -8.25 -2.17
N ALA A 44 7.69 -7.30 -2.97
CA ALA A 44 7.19 -7.55 -4.33
C ALA A 44 8.23 -8.22 -5.26
N SER A 45 9.51 -7.83 -5.18
CA SER A 45 10.59 -8.50 -5.93
C SER A 45 11.01 -9.85 -5.34
N SER A 46 10.91 -10.04 -4.02
CA SER A 46 11.21 -11.32 -3.32
C SER A 46 10.08 -12.36 -3.44
N LYS A 47 8.83 -11.94 -3.68
CA LYS A 47 7.60 -12.76 -3.81
C LYS A 47 7.54 -13.55 -5.14
N GLY A 48 8.63 -14.20 -5.53
CA GLY A 48 8.79 -14.99 -6.76
C GLY A 48 8.12 -16.38 -6.71
N LYS A 49 6.83 -16.43 -6.31
CA LYS A 49 5.99 -17.64 -6.14
C LYS A 49 6.70 -18.74 -5.34
N GLN A 50 6.94 -18.47 -4.06
CA GLN A 50 7.74 -19.30 -3.14
C GLN A 50 7.09 -19.46 -1.75
N VAL A 51 5.78 -19.76 -1.72
CA VAL A 51 4.95 -19.84 -0.50
C VAL A 51 4.16 -21.16 -0.41
N ARG A 52 3.76 -21.55 0.81
CA ARG A 52 3.00 -22.79 1.13
C ARG A 52 1.49 -22.64 0.82
N ASN A 53 1.17 -22.30 -0.43
CA ASN A 53 -0.20 -22.08 -0.93
C ASN A 53 -0.49 -22.79 -2.28
N PHE A 54 0.50 -23.47 -2.87
CA PHE A 54 0.38 -24.23 -4.11
C PHE A 54 1.19 -25.54 -4.02
N SER A 55 0.47 -26.66 -3.92
CA SER A 55 1.01 -28.02 -3.65
C SER A 55 0.24 -29.10 -4.41
ZN ZN B . 2.43 -1.79 -0.28
N GLY A 1 7.14 23.44 3.99
CA GLY A 1 6.39 24.29 3.05
C GLY A 1 6.04 25.63 3.67
N SER A 2 4.79 25.81 4.08
CA SER A 2 4.25 27.06 4.67
C SER A 2 3.08 26.76 5.64
N GLU A 3 3.04 25.53 6.14
CA GLU A 3 2.00 24.92 6.98
C GLU A 3 1.72 25.75 8.26
N PHE A 4 0.50 25.62 8.80
CA PHE A 4 0.03 26.35 9.99
C PHE A 4 -0.59 25.43 11.06
N THR A 5 -0.60 24.12 10.82
CA THR A 5 -1.13 23.07 11.70
C THR A 5 -0.40 21.75 11.46
N SER A 6 -0.33 20.88 12.46
CA SER A 6 0.36 19.58 12.41
C SER A 6 -0.62 18.41 12.22
N SER A 7 -0.10 17.23 11.83
CA SER A 7 -0.88 16.02 11.53
C SER A 7 -0.28 14.76 12.20
N PRO A 8 -0.21 14.71 13.56
CA PRO A 8 0.28 13.55 14.31
C PRO A 8 -0.69 12.36 14.36
N ARG A 9 -1.89 12.50 13.78
CA ARG A 9 -2.97 11.50 13.71
C ARG A 9 -3.50 11.36 12.27
N GLY A 10 -4.33 10.33 12.03
CA GLY A 10 -4.98 10.09 10.73
C GLY A 10 -5.82 11.28 10.23
N ASP A 11 -5.84 11.47 8.90
CA ASP A 11 -6.46 12.62 8.22
C ASP A 11 -8.01 12.54 8.15
N LYS A 12 -8.63 13.67 7.76
CA LYS A 12 -10.09 13.87 7.70
C LYS A 12 -10.67 13.77 6.28
N ALA A 13 -10.07 14.48 5.32
CA ALA A 13 -10.55 14.61 3.93
C ALA A 13 -9.43 14.91 2.90
N ALA A 14 -8.19 15.15 3.35
CA ALA A 14 -7.04 15.56 2.54
C ALA A 14 -6.39 14.42 1.72
N TYR A 15 -7.17 13.42 1.31
CA TYR A 15 -6.70 12.23 0.57
C TYR A 15 -5.99 12.53 -0.76
N ASP A 16 -6.12 13.75 -1.30
CA ASP A 16 -5.41 14.23 -2.49
C ASP A 16 -3.89 14.41 -2.32
N ILE A 17 -3.41 14.81 -1.12
CA ILE A 17 -1.96 14.90 -0.82
C ILE A 17 -1.40 13.52 -0.41
N LEU A 18 -2.20 12.69 0.26
CA LEU A 18 -1.81 11.32 0.64
C LEU A 18 -1.54 10.41 -0.58
N ARG A 19 -0.90 9.27 -0.31
CA ARG A 19 -0.67 8.16 -1.25
C ARG A 19 -1.06 6.85 -0.58
N ARG A 20 -1.53 5.88 -1.37
CA ARG A 20 -2.02 4.57 -0.91
C ARG A 20 -1.34 3.43 -1.66
N CYS A 21 -1.02 2.36 -0.95
CA CYS A 21 -0.47 1.14 -1.54
C CYS A 21 -1.61 0.30 -2.15
N SER A 22 -1.57 0.11 -3.48
CA SER A 22 -2.52 -0.73 -4.22
C SER A 22 -2.44 -2.23 -3.84
N GLN A 23 -1.44 -2.64 -3.05
CA GLN A 23 -1.20 -4.02 -2.62
C GLN A 23 -1.32 -4.23 -1.09
N CYS A 24 -1.29 -3.15 -0.30
CA CYS A 24 -1.29 -3.19 1.18
C CYS A 24 -2.47 -2.43 1.83
N GLY A 25 -3.14 -1.53 1.11
CA GLY A 25 -4.32 -0.78 1.56
C GLY A 25 -4.06 0.38 2.54
N ILE A 26 -2.85 0.47 3.12
CA ILE A 26 -2.41 1.58 3.98
C ILE A 26 -2.31 2.92 3.22
N LEU A 27 -2.40 4.04 3.95
CA LEU A 27 -2.21 5.40 3.44
C LEU A 27 -1.11 6.12 4.24
N LEU A 28 -0.21 6.82 3.53
CA LEU A 28 0.92 7.59 4.08
C LEU A 28 0.92 9.02 3.50
N PRO A 29 1.48 10.03 4.23
CA PRO A 29 1.52 11.41 3.75
C PRO A 29 2.55 11.64 2.64
N LEU A 30 3.86 11.64 2.96
CA LEU A 30 4.96 11.86 2.00
C LEU A 30 6.32 11.31 2.48
N PRO A 31 6.85 11.66 3.68
CA PRO A 31 8.13 11.13 4.13
C PRO A 31 8.06 9.67 4.62
N ILE A 32 6.98 9.27 5.32
CA ILE A 32 6.77 7.87 5.76
C ILE A 32 6.47 6.94 4.58
N LEU A 33 5.92 7.47 3.47
CA LEU A 33 5.70 6.72 2.23
C LEU A 33 6.98 6.06 1.70
N ASN A 34 8.14 6.71 1.87
CA ASN A 34 9.45 6.16 1.48
C ASN A 34 9.76 4.82 2.19
N GLN A 35 9.41 4.69 3.47
CA GLN A 35 9.56 3.45 4.24
C GLN A 35 8.64 2.34 3.69
N HIS A 36 7.37 2.64 3.40
CA HIS A 36 6.48 1.66 2.78
C HIS A 36 6.99 1.26 1.38
N GLN A 37 7.35 2.23 0.54
CA GLN A 37 7.85 2.00 -0.82
C GLN A 37 9.02 1.01 -0.84
N GLU A 38 10.08 1.23 -0.08
CA GLU A 38 11.24 0.32 -0.10
C GLU A 38 10.90 -1.10 0.39
N LYS A 39 10.07 -1.24 1.44
CA LYS A 39 9.69 -2.55 2.00
C LYS A 39 8.73 -3.30 1.09
N CYS A 40 7.69 -2.63 0.60
CA CYS A 40 6.68 -3.17 -0.31
C CYS A 40 7.32 -3.61 -1.65
N ARG A 41 8.22 -2.80 -2.22
CA ARG A 41 9.03 -3.15 -3.40
C ARG A 41 9.94 -4.36 -3.14
N TRP A 42 10.69 -4.37 -2.03
CA TRP A 42 11.57 -5.49 -1.67
C TRP A 42 10.78 -6.81 -1.50
N LEU A 43 9.65 -6.77 -0.80
CA LEU A 43 8.77 -7.91 -0.58
C LEU A 43 8.19 -8.43 -1.91
N ALA A 44 7.62 -7.54 -2.74
CA ALA A 44 7.07 -7.90 -4.05
C ALA A 44 8.13 -8.48 -5.00
N SER A 45 9.36 -7.93 -4.99
CA SER A 45 10.49 -8.44 -5.77
C SER A 45 10.96 -9.83 -5.28
N SER A 46 11.03 -10.03 -3.95
CA SER A 46 11.42 -11.31 -3.33
C SER A 46 10.35 -12.40 -3.50
N LYS A 47 9.07 -12.04 -3.52
CA LYS A 47 7.90 -12.90 -3.76
C LYS A 47 7.73 -13.25 -5.25
N GLY A 48 8.75 -13.88 -5.83
CA GLY A 48 8.76 -14.35 -7.22
C GLY A 48 7.69 -15.40 -7.54
N LYS A 49 7.24 -16.17 -6.54
CA LYS A 49 6.14 -17.14 -6.65
C LYS A 49 4.79 -16.43 -6.83
N GLN A 50 4.21 -16.50 -8.03
CA GLN A 50 2.87 -15.96 -8.33
C GLN A 50 1.78 -16.74 -7.57
N VAL A 51 0.96 -16.06 -6.77
CA VAL A 51 -0.11 -16.63 -5.93
C VAL A 51 -1.31 -15.67 -5.79
N ARG A 52 -2.48 -16.18 -5.38
CA ARG A 52 -3.67 -15.37 -5.07
C ARG A 52 -3.36 -14.28 -4.02
N ASN A 53 -3.87 -13.07 -4.25
CA ASN A 53 -3.59 -11.88 -3.44
C ASN A 53 -4.77 -10.88 -3.48
N PHE A 54 -4.94 -10.09 -2.41
CA PHE A 54 -6.07 -9.18 -2.23
C PHE A 54 -5.96 -7.88 -3.04
N SER A 55 -7.12 -7.37 -3.49
CA SER A 55 -7.29 -6.05 -4.15
C SER A 55 -7.20 -4.85 -3.20
ZN ZN B . 2.42 -2.00 -0.14
N GLY A 1 0.37 -20.61 -3.85
CA GLY A 1 -1.09 -20.79 -4.06
C GLY A 1 -1.82 -21.05 -2.75
N SER A 2 -2.48 -20.04 -2.19
CA SER A 2 -3.27 -20.14 -0.95
C SER A 2 -4.34 -19.04 -0.89
N GLU A 3 -5.28 -19.17 0.05
CA GLU A 3 -6.38 -18.23 0.29
C GLU A 3 -5.96 -17.09 1.23
N PHE A 4 -5.21 -16.13 0.70
CA PHE A 4 -4.80 -14.91 1.42
C PHE A 4 -6.01 -14.09 1.90
N THR A 5 -5.92 -13.55 3.12
CA THR A 5 -6.92 -12.62 3.70
C THR A 5 -6.89 -11.24 3.02
N SER A 6 -7.81 -10.35 3.42
CA SER A 6 -7.97 -8.98 2.90
C SER A 6 -8.29 -7.97 4.02
N SER A 7 -8.38 -6.69 3.68
CA SER A 7 -8.48 -5.56 4.62
C SER A 7 -9.75 -4.72 4.40
N PRO A 8 -10.31 -4.09 5.44
CA PRO A 8 -11.55 -3.31 5.34
C PRO A 8 -11.37 -2.02 4.52
N ARG A 9 -12.45 -1.58 3.86
CA ARG A 9 -12.54 -0.26 3.18
C ARG A 9 -12.55 0.91 4.17
N GLY A 10 -12.38 2.12 3.64
CA GLY A 10 -12.50 3.38 4.39
C GLY A 10 -12.44 4.61 3.47
N ASP A 11 -12.74 5.79 4.03
CA ASP A 11 -12.66 7.07 3.33
C ASP A 11 -11.22 7.51 3.05
N LYS A 12 -11.05 8.45 2.11
CA LYS A 12 -9.76 9.06 1.71
C LYS A 12 -9.94 10.53 1.31
N ALA A 13 -8.82 11.28 1.25
CA ALA A 13 -8.81 12.64 0.74
C ALA A 13 -8.79 12.70 -0.80
N ALA A 14 -7.86 11.98 -1.44
CA ALA A 14 -7.57 12.04 -2.88
C ALA A 14 -7.35 13.48 -3.43
N TYR A 15 -6.72 14.36 -2.64
CA TYR A 15 -6.45 15.78 -2.93
C TYR A 15 -4.93 16.10 -2.90
N ASP A 16 -4.11 15.20 -3.45
CA ASP A 16 -2.64 15.32 -3.54
C ASP A 16 -1.94 15.56 -2.17
N ILE A 17 -2.46 14.91 -1.12
CA ILE A 17 -2.05 15.06 0.30
C ILE A 17 -1.58 13.72 0.91
N LEU A 18 -2.09 12.59 0.41
CA LEU A 18 -1.76 11.22 0.84
C LEU A 18 -1.60 10.33 -0.41
N ARG A 19 -0.94 9.17 -0.24
CA ARG A 19 -0.79 8.11 -1.27
C ARG A 19 -1.15 6.75 -0.66
N ARG A 20 -1.91 5.95 -1.40
CA ARG A 20 -2.37 4.61 -1.02
C ARG A 20 -1.73 3.51 -1.87
N CYS A 21 -1.58 2.31 -1.30
CA CYS A 21 -0.94 1.17 -1.96
C CYS A 21 -1.99 0.08 -2.25
N SER A 22 -2.22 -0.17 -3.54
CA SER A 22 -3.19 -1.15 -4.07
C SER A 22 -2.92 -2.61 -3.67
N GLN A 23 -1.76 -2.88 -3.05
CA GLN A 23 -1.31 -4.22 -2.62
C GLN A 23 -1.20 -4.34 -1.08
N CYS A 24 -1.43 -3.25 -0.33
CA CYS A 24 -1.20 -3.15 1.12
C CYS A 24 -2.38 -2.53 1.91
N GLY A 25 -3.13 -1.60 1.31
CA GLY A 25 -4.32 -0.97 1.92
C GLY A 25 -4.05 0.13 2.96
N ILE A 26 -2.81 0.62 3.08
CA ILE A 26 -2.38 1.69 3.98
C ILE A 26 -2.20 3.02 3.23
N LEU A 27 -2.29 4.15 3.94
CA LEU A 27 -2.15 5.51 3.41
C LEU A 27 -1.07 6.29 4.17
N LEU A 28 -0.12 6.89 3.43
CA LEU A 28 1.00 7.68 3.97
C LEU A 28 1.03 9.07 3.31
N PRO A 29 1.55 10.13 3.99
CA PRO A 29 1.61 11.47 3.42
C PRO A 29 2.66 11.61 2.31
N LEU A 30 3.96 11.66 2.66
CA LEU A 30 5.09 11.86 1.74
C LEU A 30 6.44 11.39 2.31
N PRO A 31 6.87 11.77 3.54
CA PRO A 31 8.12 11.26 4.10
C PRO A 31 8.01 9.83 4.67
N ILE A 32 6.92 9.48 5.36
CA ILE A 32 6.70 8.11 5.88
C ILE A 32 6.48 7.09 4.75
N LEU A 33 5.99 7.55 3.58
CA LEU A 33 5.88 6.75 2.35
C LEU A 33 7.22 6.13 1.93
N ASN A 34 8.37 6.72 2.28
CA ASN A 34 9.70 6.17 2.01
C ASN A 34 9.89 4.75 2.59
N GLN A 35 9.48 4.53 3.85
CA GLN A 35 9.54 3.21 4.49
C GLN A 35 8.63 2.20 3.77
N HIS A 36 7.42 2.63 3.35
CA HIS A 36 6.54 1.79 2.55
C HIS A 36 7.19 1.42 1.21
N GLN A 37 7.73 2.39 0.47
CA GLN A 37 8.37 2.15 -0.84
C GLN A 37 9.49 1.10 -0.75
N GLU A 38 10.37 1.15 0.26
CA GLU A 38 11.40 0.12 0.44
C GLU A 38 10.82 -1.27 0.76
N LYS A 39 9.87 -1.36 1.71
CA LYS A 39 9.30 -2.65 2.15
C LYS A 39 8.44 -3.30 1.05
N CYS A 40 7.54 -2.52 0.44
CA CYS A 40 6.64 -2.94 -0.64
C CYS A 40 7.43 -3.41 -1.88
N ARG A 41 8.49 -2.68 -2.27
CA ARG A 41 9.45 -3.09 -3.32
C ARG A 41 10.19 -4.37 -2.97
N TRP A 42 10.73 -4.50 -1.75
CA TRP A 42 11.40 -5.71 -1.30
C TRP A 42 10.47 -6.94 -1.37
N LEU A 43 9.23 -6.80 -0.88
CA LEU A 43 8.21 -7.86 -0.89
C LEU A 43 7.88 -8.28 -2.33
N ALA A 44 7.56 -7.33 -3.21
CA ALA A 44 7.26 -7.60 -4.61
C ALA A 44 8.43 -8.25 -5.39
N SER A 45 9.67 -7.82 -5.11
CA SER A 45 10.89 -8.39 -5.70
C SER A 45 11.18 -9.81 -5.18
N SER A 46 11.01 -10.05 -3.88
CA SER A 46 11.18 -11.36 -3.23
C SER A 46 10.12 -12.38 -3.69
N LYS A 47 8.86 -11.94 -3.87
CA LYS A 47 7.71 -12.74 -4.34
C LYS A 47 7.74 -12.97 -5.86
N GLY A 48 8.80 -13.63 -6.34
CA GLY A 48 9.04 -13.93 -7.76
C GLY A 48 7.96 -14.77 -8.44
N LYS A 49 7.35 -15.72 -7.71
CA LYS A 49 6.17 -16.49 -8.17
C LYS A 49 4.88 -15.70 -7.91
N GLN A 50 4.06 -15.50 -8.93
CA GLN A 50 2.74 -14.85 -8.82
C GLN A 50 1.70 -15.73 -8.09
N VAL A 51 0.59 -15.11 -7.67
CA VAL A 51 -0.61 -15.80 -7.11
C VAL A 51 -1.57 -16.27 -8.22
N ARG A 52 -2.65 -16.97 -7.84
CA ARG A 52 -3.66 -17.55 -8.76
C ARG A 52 -5.10 -17.06 -8.48
N ASN A 53 -5.22 -15.93 -7.78
CA ASN A 53 -6.47 -15.26 -7.41
C ASN A 53 -6.30 -13.71 -7.37
N PHE A 54 -7.40 -12.98 -7.20
CA PHE A 54 -7.42 -11.50 -7.16
C PHE A 54 -8.37 -10.92 -6.10
N SER A 55 -9.53 -11.57 -5.90
CA SER A 55 -10.58 -11.26 -4.89
C SER A 55 -10.87 -9.75 -4.69
ZN ZN B . 2.46 -1.48 -0.75
N GLY A 1 -11.71 4.20 -16.57
CA GLY A 1 -11.65 3.22 -15.47
C GLY A 1 -12.87 2.32 -15.41
N SER A 2 -12.74 1.15 -14.78
CA SER A 2 -13.85 0.25 -14.44
C SER A 2 -14.78 0.85 -13.36
N GLU A 3 -15.91 0.18 -13.08
CA GLU A 3 -16.84 0.57 -12.01
C GLU A 3 -16.19 0.55 -10.60
N PHE A 4 -16.72 1.38 -9.69
CA PHE A 4 -16.25 1.51 -8.31
C PHE A 4 -17.33 1.11 -7.30
N THR A 5 -16.92 0.57 -6.14
CA THR A 5 -17.82 0.04 -5.11
C THR A 5 -18.69 1.14 -4.46
N SER A 6 -18.06 2.20 -3.95
CA SER A 6 -18.69 3.34 -3.26
C SER A 6 -17.80 4.59 -3.31
N SER A 7 -18.40 5.78 -3.20
CA SER A 7 -17.69 7.06 -2.98
C SER A 7 -17.36 7.31 -1.50
N PRO A 8 -16.44 8.23 -1.16
CA PRO A 8 -16.13 8.60 0.22
C PRO A 8 -17.18 9.50 0.90
N ARG A 9 -18.22 9.94 0.17
CA ARG A 9 -19.32 10.83 0.61
C ARG A 9 -18.85 12.07 1.41
N GLY A 10 -17.83 12.75 0.89
CA GLY A 10 -17.25 13.97 1.47
C GLY A 10 -16.56 14.87 0.44
N ASP A 11 -16.12 16.05 0.87
CA ASP A 11 -15.63 17.14 0.01
C ASP A 11 -14.39 17.81 0.64
N LYS A 12 -13.19 17.32 0.30
CA LYS A 12 -11.89 17.86 0.76
C LYS A 12 -10.77 17.57 -0.25
N ALA A 13 -9.85 18.51 -0.42
CA ALA A 13 -8.64 18.37 -1.24
C ALA A 13 -7.49 17.59 -0.56
N ALA A 14 -7.62 17.30 0.74
CA ALA A 14 -6.59 16.66 1.57
C ALA A 14 -6.12 15.27 1.11
N TYR A 15 -6.90 14.59 0.26
CA TYR A 15 -6.63 13.21 -0.18
C TYR A 15 -5.79 13.12 -1.48
N ASP A 16 -5.52 14.24 -2.17
CA ASP A 16 -4.70 14.27 -3.39
C ASP A 16 -3.19 14.32 -3.11
N ILE A 17 -2.77 14.89 -1.97
CA ILE A 17 -1.35 14.89 -1.53
C ILE A 17 -0.91 13.50 -1.03
N LEU A 18 -1.80 12.78 -0.34
CA LEU A 18 -1.54 11.43 0.18
C LEU A 18 -1.29 10.41 -0.96
N ARG A 19 -0.62 9.31 -0.62
CA ARG A 19 -0.42 8.13 -1.46
C ARG A 19 -0.96 6.88 -0.76
N ARG A 20 -1.42 5.92 -1.56
CA ARG A 20 -2.04 4.65 -1.13
C ARG A 20 -1.43 3.47 -1.89
N CYS A 21 -1.69 2.26 -1.40
CA CYS A 21 -1.08 1.02 -1.90
C CYS A 21 -2.15 -0.08 -2.06
N SER A 22 -2.38 -0.49 -3.31
CA SER A 22 -3.44 -1.43 -3.74
C SER A 22 -3.34 -2.85 -3.16
N GLN A 23 -2.28 -3.15 -2.40
CA GLN A 23 -2.05 -4.44 -1.73
C GLN A 23 -1.81 -4.30 -0.21
N CYS A 24 -1.93 -3.09 0.34
CA CYS A 24 -1.73 -2.77 1.77
C CYS A 24 -2.91 -2.01 2.41
N GLY A 25 -3.60 -1.16 1.65
CA GLY A 25 -4.80 -0.40 2.07
C GLY A 25 -4.54 0.86 2.94
N ILE A 26 -3.32 1.02 3.47
CA ILE A 26 -2.87 2.19 4.26
C ILE A 26 -2.61 3.42 3.36
N LEU A 27 -2.68 4.62 3.96
CA LEU A 27 -2.35 5.90 3.31
C LEU A 27 -1.23 6.62 4.09
N LEU A 28 -0.26 7.20 3.35
CA LEU A 28 0.89 7.95 3.88
C LEU A 28 1.02 9.31 3.16
N PRO A 29 1.60 10.36 3.80
CA PRO A 29 1.75 11.67 3.19
C PRO A 29 2.86 11.72 2.12
N LEU A 30 4.14 11.63 2.52
CA LEU A 30 5.31 11.68 1.62
C LEU A 30 6.61 11.14 2.27
N PRO A 31 7.09 11.64 3.43
CA PRO A 31 8.33 11.14 4.03
C PRO A 31 8.18 9.78 4.73
N ILE A 32 7.02 9.48 5.34
CA ILE A 32 6.73 8.15 5.91
C ILE A 32 6.53 7.08 4.81
N LEU A 33 6.11 7.50 3.61
CA LEU A 33 5.97 6.62 2.43
C LEU A 33 7.30 5.93 2.07
N ASN A 34 8.47 6.48 2.39
CA ASN A 34 9.77 5.83 2.13
C ASN A 34 9.85 4.40 2.71
N GLN A 35 9.41 4.20 3.96
CA GLN A 35 9.35 2.87 4.59
C GLN A 35 8.38 1.93 3.85
N HIS A 36 7.22 2.45 3.42
CA HIS A 36 6.25 1.69 2.65
C HIS A 36 6.79 1.30 1.26
N GLN A 37 7.44 2.22 0.58
CA GLN A 37 8.00 2.04 -0.76
C GLN A 37 9.07 0.94 -0.77
N GLU A 38 10.03 0.99 0.17
CA GLU A 38 11.03 -0.08 0.29
C GLU A 38 10.41 -1.42 0.71
N LYS A 39 9.38 -1.46 1.58
CA LYS A 39 8.70 -2.70 1.98
C LYS A 39 7.97 -3.39 0.82
N CYS A 40 7.10 -2.67 0.10
CA CYS A 40 6.39 -3.21 -1.06
C CYS A 40 7.38 -3.66 -2.16
N ARG A 41 8.44 -2.88 -2.42
CA ARG A 41 9.51 -3.22 -3.37
C ARG A 41 10.28 -4.48 -2.94
N TRP A 42 10.68 -4.59 -1.67
CA TRP A 42 11.45 -5.73 -1.14
C TRP A 42 10.74 -7.07 -1.33
N LEU A 43 9.43 -7.14 -1.02
CA LEU A 43 8.65 -8.36 -1.31
C LEU A 43 8.49 -8.60 -2.82
N ALA A 44 8.19 -7.57 -3.62
CA ALA A 44 8.02 -7.71 -5.07
C ALA A 44 9.29 -8.22 -5.78
N SER A 45 10.47 -7.71 -5.43
CA SER A 45 11.75 -8.15 -5.98
C SER A 45 12.19 -9.53 -5.45
N SER A 46 11.90 -9.84 -4.17
CA SER A 46 12.16 -11.16 -3.58
C SER A 46 11.27 -12.26 -4.17
N LYS A 47 10.02 -11.92 -4.57
CA LYS A 47 9.11 -12.83 -5.29
C LYS A 47 9.68 -13.21 -6.66
N GLY A 48 10.15 -12.21 -7.41
CA GLY A 48 10.71 -12.31 -8.77
C GLY A 48 9.68 -12.73 -9.83
N LYS A 49 9.18 -13.96 -9.74
CA LYS A 49 8.05 -14.52 -10.50
C LYS A 49 6.72 -14.02 -9.92
N GLN A 50 6.37 -12.76 -10.20
CA GLN A 50 5.08 -12.16 -9.84
C GLN A 50 3.91 -12.97 -10.41
N VAL A 51 2.80 -13.05 -9.67
CA VAL A 51 1.61 -13.82 -10.06
C VAL A 51 0.79 -13.18 -11.20
N ARG A 52 0.93 -11.87 -11.43
CA ARG A 52 0.21 -11.07 -12.45
C ARG A 52 -1.31 -11.36 -12.53
N ASN A 53 -1.91 -11.71 -11.39
CA ASN A 53 -3.28 -12.23 -11.22
C ASN A 53 -3.70 -13.27 -12.30
N PHE A 54 -2.98 -14.39 -12.36
CA PHE A 54 -3.18 -15.47 -13.35
C PHE A 54 -4.54 -16.20 -13.29
N SER A 55 -5.34 -16.00 -12.23
CA SER A 55 -6.65 -16.64 -11.94
C SER A 55 -6.67 -18.17 -12.14
ZN ZN B . 2.09 -1.46 -0.01
N GLY A 1 -7.89 6.28 22.29
CA GLY A 1 -7.24 5.16 23.01
C GLY A 1 -5.82 4.93 22.52
N SER A 2 -5.42 3.67 22.31
CA SER A 2 -4.03 3.25 22.05
C SER A 2 -3.87 2.57 20.68
N GLU A 3 -4.38 3.20 19.62
CA GLU A 3 -4.23 2.76 18.23
C GLU A 3 -2.75 2.81 17.77
N PHE A 4 -2.30 1.81 17.01
CA PHE A 4 -0.93 1.70 16.51
C PHE A 4 -0.90 1.09 15.09
N THR A 5 -1.43 1.84 14.12
CA THR A 5 -1.59 1.44 12.70
C THR A 5 -2.39 0.13 12.55
N SER A 6 -3.39 -0.05 13.43
CA SER A 6 -4.20 -1.27 13.55
C SER A 6 -5.03 -1.62 12.30
N SER A 7 -5.43 -0.60 11.53
CA SER A 7 -6.26 -0.67 10.32
C SER A 7 -6.17 0.65 9.53
N PRO A 8 -6.25 0.67 8.18
CA PRO A 8 -6.26 1.90 7.38
C PRO A 8 -7.55 2.74 7.56
N ARG A 9 -7.56 3.94 6.98
CA ARG A 9 -8.66 4.93 7.06
C ARG A 9 -8.90 5.61 5.71
N GLY A 10 -10.17 5.85 5.36
CA GLY A 10 -10.62 6.37 4.07
C GLY A 10 -11.85 7.27 4.19
N ASP A 11 -11.88 8.10 5.23
CA ASP A 11 -13.06 8.83 5.72
C ASP A 11 -12.73 10.32 5.93
N LYS A 12 -11.99 10.91 4.98
CA LYS A 12 -11.40 12.27 5.06
C LYS A 12 -11.39 12.96 3.69
N ALA A 13 -11.71 14.25 3.64
CA ALA A 13 -11.75 15.05 2.41
C ALA A 13 -10.37 15.23 1.75
N ALA A 14 -9.32 15.41 2.55
CA ALA A 14 -7.93 15.52 2.12
C ALA A 14 -7.28 14.14 1.91
N TYR A 15 -7.76 13.38 0.92
CA TYR A 15 -7.22 12.08 0.52
C TYR A 15 -6.30 12.14 -0.73
N ASP A 16 -6.24 13.30 -1.40
CA ASP A 16 -5.43 13.51 -2.62
C ASP A 16 -3.93 13.73 -2.33
N ILE A 17 -3.59 14.30 -1.17
CA ILE A 17 -2.20 14.44 -0.69
C ILE A 17 -1.59 13.09 -0.27
N LEU A 18 -2.38 12.26 0.43
CA LEU A 18 -2.00 10.91 0.82
C LEU A 18 -1.75 10.01 -0.41
N ARG A 19 -0.95 8.96 -0.24
CA ARG A 19 -0.70 7.93 -1.26
C ARG A 19 -1.16 6.56 -0.76
N ARG A 20 -1.87 5.82 -1.63
CA ARG A 20 -2.48 4.51 -1.36
C ARG A 20 -1.68 3.40 -2.05
N CYS A 21 -1.63 2.22 -1.44
CA CYS A 21 -0.88 1.05 -1.93
C CYS A 21 -1.86 -0.05 -2.35
N SER A 22 -1.96 -0.32 -3.66
CA SER A 22 -2.90 -1.28 -4.26
C SER A 22 -2.68 -2.75 -3.82
N GLN A 23 -1.65 -3.02 -3.01
CA GLN A 23 -1.26 -4.35 -2.51
C GLN A 23 -1.23 -4.42 -0.97
N CYS A 24 -1.41 -3.30 -0.26
CA CYS A 24 -1.28 -3.17 1.20
C CYS A 24 -2.47 -2.43 1.88
N GLY A 25 -3.13 -1.52 1.17
CA GLY A 25 -4.29 -0.75 1.65
C GLY A 25 -3.99 0.43 2.59
N ILE A 26 -2.75 0.57 3.06
CA ILE A 26 -2.28 1.68 3.92
C ILE A 26 -2.26 3.04 3.20
N LEU A 27 -2.28 4.14 3.97
CA LEU A 27 -2.17 5.53 3.48
C LEU A 27 -1.06 6.28 4.23
N LEU A 28 -0.15 6.91 3.49
CA LEU A 28 0.99 7.69 4.01
C LEU A 28 1.02 9.09 3.36
N PRO A 29 1.55 10.13 4.04
CA PRO A 29 1.59 11.50 3.49
C PRO A 29 2.64 11.67 2.37
N LEU A 30 3.94 11.50 2.69
CA LEU A 30 5.07 11.67 1.77
C LEU A 30 6.40 11.14 2.39
N PRO A 31 6.89 11.64 3.54
CA PRO A 31 8.16 11.17 4.10
C PRO A 31 8.07 9.75 4.69
N ILE A 32 6.96 9.39 5.37
CA ILE A 32 6.74 8.04 5.89
C ILE A 32 6.51 7.02 4.74
N LEU A 33 6.00 7.47 3.58
CA LEU A 33 5.89 6.62 2.39
C LEU A 33 7.23 6.04 1.96
N ASN A 34 8.36 6.72 2.19
CA ASN A 34 9.69 6.21 1.82
C ASN A 34 10.00 4.85 2.48
N GLN A 35 9.60 4.65 3.75
CA GLN A 35 9.73 3.36 4.44
C GLN A 35 8.80 2.29 3.88
N HIS A 36 7.52 2.61 3.61
CA HIS A 36 6.63 1.65 2.96
C HIS A 36 7.14 1.29 1.56
N GLN A 37 7.55 2.27 0.76
CA GLN A 37 8.01 2.09 -0.61
C GLN A 37 9.17 1.10 -0.70
N GLU A 38 10.24 1.26 0.08
CA GLU A 38 11.37 0.31 0.05
C GLU A 38 10.97 -1.10 0.50
N LYS A 39 10.12 -1.25 1.53
CA LYS A 39 9.70 -2.54 2.08
C LYS A 39 8.72 -3.28 1.16
N CYS A 40 7.71 -2.57 0.66
CA CYS A 40 6.72 -3.03 -0.31
C CYS A 40 7.39 -3.45 -1.64
N ARG A 41 8.32 -2.64 -2.15
CA ARG A 41 9.18 -2.98 -3.31
C ARG A 41 9.99 -4.25 -3.06
N TRP A 42 10.71 -4.35 -1.95
CA TRP A 42 11.56 -5.51 -1.63
C TRP A 42 10.74 -6.80 -1.52
N LEU A 43 9.60 -6.74 -0.81
CA LEU A 43 8.70 -7.89 -0.63
C LEU A 43 8.05 -8.33 -1.96
N ALA A 44 7.58 -7.39 -2.78
CA ALA A 44 7.00 -7.67 -4.10
C ALA A 44 8.04 -8.17 -5.11
N SER A 45 9.29 -7.69 -5.04
CA SER A 45 10.43 -8.20 -5.83
C SER A 45 10.81 -9.63 -5.43
N SER A 46 10.82 -9.91 -4.12
CA SER A 46 11.10 -11.23 -3.54
C SER A 46 9.98 -12.27 -3.80
N LYS A 47 8.73 -11.81 -4.00
CA LYS A 47 7.50 -12.63 -4.12
C LYS A 47 7.30 -13.61 -2.95
N GLY A 48 7.82 -13.29 -1.77
CA GLY A 48 7.91 -14.19 -0.62
C GLY A 48 6.55 -14.51 0.04
N LYS A 49 5.76 -13.47 0.34
CA LYS A 49 4.37 -13.60 0.81
C LYS A 49 3.41 -13.87 -0.36
N GLN A 50 2.22 -14.40 -0.08
CA GLN A 50 1.15 -14.64 -1.06
C GLN A 50 -0.12 -13.86 -0.65
N VAL A 51 -0.30 -12.69 -1.26
CA VAL A 51 -1.45 -11.79 -1.06
C VAL A 51 -2.76 -12.37 -1.62
N ARG A 52 -3.91 -11.86 -1.16
CA ARG A 52 -5.25 -12.27 -1.59
C ARG A 52 -5.79 -11.31 -2.66
N ASN A 53 -5.56 -11.64 -3.93
CA ASN A 53 -6.04 -10.89 -5.10
C ASN A 53 -6.34 -11.84 -6.28
N PHE A 54 -7.22 -11.42 -7.20
CA PHE A 54 -7.66 -12.20 -8.36
C PHE A 54 -7.30 -11.52 -9.68
N SER A 55 -7.09 -12.31 -10.74
CA SER A 55 -6.63 -11.86 -12.08
C SER A 55 -7.79 -11.64 -13.05
ZN ZN B . 2.46 -1.70 -0.28
N GLY A 1 5.07 -10.91 17.65
CA GLY A 1 5.26 -9.51 17.22
C GLY A 1 4.29 -9.12 16.13
N SER A 2 3.11 -8.61 16.50
CA SER A 2 2.13 -8.07 15.54
C SER A 2 2.60 -6.74 14.93
N GLU A 3 2.30 -6.52 13.65
CA GLU A 3 2.59 -5.25 12.95
C GLU A 3 1.56 -4.15 13.26
N PHE A 4 0.35 -4.52 13.70
CA PHE A 4 -0.84 -3.65 13.88
C PHE A 4 -1.16 -2.70 12.70
N THR A 5 -0.67 -3.00 11.49
CA THR A 5 -0.89 -2.21 10.27
C THR A 5 -2.37 -2.17 9.89
N SER A 6 -2.95 -0.97 9.92
CA SER A 6 -4.36 -0.68 9.60
C SER A 6 -4.51 0.76 9.08
N SER A 7 -5.67 1.09 8.52
CA SER A 7 -5.94 2.36 7.84
C SER A 7 -7.35 2.90 8.15
N PRO A 8 -7.58 4.22 8.03
CA PRO A 8 -8.87 4.85 8.32
C PRO A 8 -9.96 4.46 7.30
N ARG A 9 -11.22 4.75 7.66
CA ARG A 9 -12.43 4.47 6.88
C ARG A 9 -13.42 5.66 6.92
N GLY A 10 -14.46 5.59 6.08
CA GLY A 10 -15.46 6.67 5.94
C GLY A 10 -15.10 7.68 4.85
N ASP A 11 -15.81 8.81 4.84
CA ASP A 11 -15.74 9.88 3.83
C ASP A 11 -14.48 10.77 3.93
N LYS A 12 -13.29 10.17 4.11
CA LYS A 12 -11.99 10.86 4.24
C LYS A 12 -11.70 11.82 3.08
N ALA A 13 -12.00 11.41 1.84
CA ALA A 13 -11.86 12.22 0.61
C ALA A 13 -10.52 12.99 0.48
N ALA A 14 -9.41 12.35 0.86
CA ALA A 14 -8.07 12.95 0.91
C ALA A 14 -7.04 12.04 0.21
N TYR A 15 -6.83 12.28 -1.09
CA TYR A 15 -5.91 11.53 -1.96
C TYR A 15 -5.04 12.46 -2.83
N ASP A 16 -5.14 13.79 -2.62
CA ASP A 16 -4.36 14.83 -3.30
C ASP A 16 -2.93 15.00 -2.72
N ILE A 17 -2.67 14.42 -1.53
CA ILE A 17 -1.37 14.44 -0.85
C ILE A 17 -1.02 13.06 -0.28
N LEU A 18 -1.95 12.39 0.42
CA LEU A 18 -1.80 10.99 0.83
C LEU A 18 -1.72 10.06 -0.41
N ARG A 19 -0.84 9.05 -0.35
CA ARG A 19 -0.67 7.99 -1.36
C ARG A 19 -1.12 6.65 -0.77
N ARG A 20 -1.74 5.78 -1.57
CA ARG A 20 -2.42 4.56 -1.12
C ARG A 20 -1.99 3.32 -1.93
N CYS A 21 -1.45 2.32 -1.23
CA CYS A 21 -0.87 1.10 -1.82
C CYS A 21 -1.97 0.09 -2.24
N SER A 22 -2.02 -0.27 -3.52
CA SER A 22 -3.00 -1.19 -4.13
C SER A 22 -2.90 -2.66 -3.65
N GLN A 23 -1.87 -3.00 -2.86
CA GLN A 23 -1.61 -4.34 -2.33
C GLN A 23 -1.54 -4.39 -0.79
N CYS A 24 -1.61 -3.22 -0.12
CA CYS A 24 -1.45 -3.09 1.34
C CYS A 24 -2.57 -2.26 2.02
N GLY A 25 -3.25 -1.38 1.30
CA GLY A 25 -4.40 -0.59 1.78
C GLY A 25 -4.08 0.62 2.67
N ILE A 26 -2.83 0.75 3.14
CA ILE A 26 -2.33 1.87 3.98
C ILE A 26 -2.26 3.20 3.20
N LEU A 27 -2.45 4.33 3.90
CA LEU A 27 -2.28 5.69 3.37
C LEU A 27 -1.11 6.39 4.09
N LEU A 28 -0.15 6.94 3.33
CA LEU A 28 1.03 7.66 3.85
C LEU A 28 1.15 9.06 3.20
N PRO A 29 1.64 10.10 3.93
CA PRO A 29 1.77 11.45 3.38
C PRO A 29 2.89 11.61 2.35
N LEU A 30 4.16 11.45 2.76
CA LEU A 30 5.36 11.62 1.92
C LEU A 30 6.63 11.12 2.64
N PRO A 31 7.03 11.64 3.83
CA PRO A 31 8.23 11.16 4.52
C PRO A 31 8.10 9.72 5.03
N ILE A 32 6.89 9.31 5.42
CA ILE A 32 6.58 7.94 5.88
C ILE A 32 6.40 6.98 4.70
N LEU A 33 5.94 7.47 3.53
CA LEU A 33 5.79 6.67 2.30
C LEU A 33 7.11 6.02 1.86
N ASN A 34 8.24 6.69 2.08
CA ASN A 34 9.57 6.17 1.73
C ASN A 34 9.87 4.81 2.39
N GLN A 35 9.44 4.60 3.64
CA GLN A 35 9.58 3.32 4.34
C GLN A 35 8.65 2.23 3.80
N HIS A 36 7.38 2.55 3.50
CA HIS A 36 6.49 1.59 2.85
C HIS A 36 7.01 1.23 1.45
N GLN A 37 7.43 2.22 0.66
CA GLN A 37 7.90 2.03 -0.72
C GLN A 37 9.07 1.04 -0.80
N GLU A 38 10.12 1.20 0.03
CA GLU A 38 11.23 0.24 0.02
C GLU A 38 10.83 -1.16 0.50
N LYS A 39 9.99 -1.30 1.52
CA LYS A 39 9.51 -2.60 2.02
C LYS A 39 8.61 -3.32 1.01
N CYS A 40 7.59 -2.63 0.50
CA CYS A 40 6.59 -3.14 -0.44
C CYS A 40 7.27 -3.58 -1.77
N ARG A 41 8.20 -2.75 -2.29
CA ARG A 41 9.05 -3.08 -3.44
C ARG A 41 9.98 -4.27 -3.18
N TRP A 42 10.67 -4.31 -2.03
CA TRP A 42 11.54 -5.43 -1.67
C TRP A 42 10.76 -6.75 -1.58
N LEU A 43 9.59 -6.75 -0.93
CA LEU A 43 8.74 -7.95 -0.80
C LEU A 43 8.23 -8.43 -2.16
N ALA A 44 7.75 -7.51 -3.02
CA ALA A 44 7.30 -7.82 -4.37
C ALA A 44 8.42 -8.35 -5.29
N SER A 45 9.65 -7.84 -5.14
CA SER A 45 10.83 -8.33 -5.87
C SER A 45 11.33 -9.69 -5.35
N SER A 46 11.32 -9.89 -4.02
CA SER A 46 11.69 -11.13 -3.33
C SER A 46 10.67 -12.26 -3.55
N LYS A 47 9.39 -11.92 -3.80
CA LYS A 47 8.23 -12.82 -3.99
C LYS A 47 8.01 -13.76 -2.79
N GLY A 48 8.42 -13.34 -1.59
CA GLY A 48 8.47 -14.18 -0.37
C GLY A 48 7.10 -14.64 0.15
N LYS A 49 6.12 -13.72 0.19
CA LYS A 49 4.71 -14.00 0.49
C LYS A 49 3.82 -12.92 -0.13
N GLN A 50 2.71 -13.32 -0.74
CA GLN A 50 1.72 -12.43 -1.38
C GLN A 50 0.29 -12.79 -0.92
N VAL A 51 -0.54 -11.78 -0.67
CA VAL A 51 -1.96 -11.97 -0.27
C VAL A 51 -2.88 -12.32 -1.45
N ARG A 52 -2.43 -12.06 -2.68
CA ARG A 52 -3.06 -12.53 -3.93
C ARG A 52 -2.65 -14.00 -4.18
N ASN A 53 -3.48 -14.93 -3.70
CA ASN A 53 -3.28 -16.38 -3.80
C ASN A 53 -4.56 -17.04 -4.36
N PHE A 54 -4.41 -18.10 -5.14
CA PHE A 54 -5.47 -18.70 -5.99
C PHE A 54 -5.43 -20.24 -6.00
N SER A 55 -6.46 -20.86 -6.61
CA SER A 55 -6.71 -22.31 -6.62
C SER A 55 -7.25 -22.78 -7.97
ZN ZN B . 2.30 -1.86 -0.30
N GLY A 1 1.49 -8.48 10.26
CA GLY A 1 1.15 -8.97 11.61
C GLY A 1 -0.29 -9.48 11.67
N SER A 2 -0.50 -10.66 12.26
CA SER A 2 -1.80 -11.36 12.36
C SER A 2 -2.74 -10.74 13.42
N GLU A 3 -3.18 -9.50 13.18
CA GLU A 3 -4.01 -8.68 14.08
C GLU A 3 -5.34 -8.26 13.40
N PHE A 4 -5.90 -9.17 12.58
CA PHE A 4 -7.19 -9.01 11.87
C PHE A 4 -7.30 -7.75 10.97
N THR A 5 -6.16 -7.17 10.57
CA THR A 5 -6.07 -5.91 9.81
C THR A 5 -6.16 -6.16 8.30
N SER A 6 -7.38 -6.42 7.82
CA SER A 6 -7.68 -6.65 6.39
C SER A 6 -7.75 -5.36 5.55
N SER A 7 -7.79 -4.18 6.19
CA SER A 7 -7.88 -2.84 5.57
C SER A 7 -8.85 -2.73 4.36
N PRO A 8 -10.15 -3.05 4.54
CA PRO A 8 -11.11 -3.12 3.43
C PRO A 8 -11.43 -1.76 2.77
N ARG A 9 -11.33 -0.66 3.52
CA ARG A 9 -11.56 0.74 3.09
C ARG A 9 -10.60 1.70 3.80
N GLY A 10 -10.51 2.95 3.33
CA GLY A 10 -9.53 3.94 3.82
C GLY A 10 -9.78 5.37 3.34
N ASP A 11 -11.02 5.85 3.39
CA ASP A 11 -11.41 7.23 3.03
C ASP A 11 -10.77 8.30 3.93
N LYS A 12 -10.50 9.50 3.39
CA LYS A 12 -9.97 10.67 4.13
C LYS A 12 -10.39 12.00 3.50
N ALA A 13 -10.46 13.07 4.30
CA ALA A 13 -10.76 14.44 3.85
C ALA A 13 -9.70 15.07 2.91
N ALA A 14 -8.46 14.57 2.94
CA ALA A 14 -7.30 15.11 2.23
C ALA A 14 -6.50 14.01 1.49
N TYR A 15 -7.20 13.01 0.94
CA TYR A 15 -6.59 11.88 0.23
C TYR A 15 -5.72 12.26 -0.99
N ASP A 16 -5.83 13.49 -1.51
CA ASP A 16 -5.02 13.99 -2.64
C ASP A 16 -3.54 14.22 -2.28
N ILE A 17 -3.22 14.64 -1.04
CA ILE A 17 -1.83 14.76 -0.56
C ILE A 17 -1.29 13.40 -0.11
N LEU A 18 -2.11 12.58 0.55
CA LEU A 18 -1.78 11.19 0.91
C LEU A 18 -1.47 10.33 -0.35
N ARG A 19 -0.85 9.17 -0.13
CA ARG A 19 -0.66 8.11 -1.13
C ARG A 19 -1.16 6.78 -0.58
N ARG A 20 -1.73 5.94 -1.46
CA ARG A 20 -2.28 4.61 -1.17
C ARG A 20 -1.63 3.54 -2.07
N CYS A 21 -1.66 2.28 -1.63
CA CYS A 21 -1.02 1.15 -2.30
C CYS A 21 -2.02 -0.02 -2.45
N SER A 22 -2.36 -0.32 -3.70
CA SER A 22 -3.35 -1.36 -4.09
C SER A 22 -2.96 -2.80 -3.72
N GLN A 23 -1.75 -3.01 -3.16
CA GLN A 23 -1.24 -4.30 -2.70
C GLN A 23 -1.10 -4.37 -1.16
N CYS A 24 -1.34 -3.27 -0.44
CA CYS A 24 -1.06 -3.12 0.99
C CYS A 24 -2.24 -2.53 1.81
N GLY A 25 -3.00 -1.59 1.24
CA GLY A 25 -4.19 -0.96 1.84
C GLY A 25 -3.95 0.20 2.82
N ILE A 26 -2.69 0.45 3.22
CA ILE A 26 -2.28 1.56 4.10
C ILE A 26 -2.24 2.91 3.35
N LEU A 27 -2.27 4.02 4.11
CA LEU A 27 -2.14 5.40 3.60
C LEU A 27 -1.02 6.14 4.34
N LEU A 28 -0.15 6.84 3.60
CA LEU A 28 1.00 7.62 4.11
C LEU A 28 0.98 9.05 3.55
N PRO A 29 1.50 10.07 4.28
CA PRO A 29 1.53 11.46 3.82
C PRO A 29 2.53 11.72 2.67
N LEU A 30 3.83 11.62 2.93
CA LEU A 30 4.92 11.90 1.98
C LEU A 30 6.29 11.41 2.51
N PRO A 31 6.79 11.84 3.70
CA PRO A 31 8.08 11.37 4.21
C PRO A 31 8.02 9.91 4.70
N ILE A 32 6.91 9.50 5.34
CA ILE A 32 6.71 8.13 5.85
C ILE A 32 6.52 7.13 4.69
N LEU A 33 6.05 7.59 3.52
CA LEU A 33 5.95 6.78 2.30
C LEU A 33 7.30 6.19 1.87
N ASN A 34 8.45 6.79 2.22
CA ASN A 34 9.77 6.22 1.93
C ASN A 34 9.93 4.81 2.51
N GLN A 35 9.49 4.58 3.75
CA GLN A 35 9.48 3.24 4.36
C GLN A 35 8.59 2.27 3.58
N HIS A 36 7.41 2.73 3.12
CA HIS A 36 6.54 1.92 2.27
C HIS A 36 7.25 1.53 0.96
N GLN A 37 7.84 2.49 0.24
CA GLN A 37 8.49 2.22 -1.04
C GLN A 37 9.60 1.16 -0.92
N GLU A 38 10.46 1.22 0.11
CA GLU A 38 11.49 0.19 0.30
C GLU A 38 10.89 -1.19 0.67
N LYS A 39 9.91 -1.25 1.57
CA LYS A 39 9.30 -2.52 2.03
C LYS A 39 8.46 -3.17 0.91
N CYS A 40 7.57 -2.42 0.28
CA CYS A 40 6.68 -2.85 -0.81
C CYS A 40 7.49 -3.34 -2.02
N ARG A 41 8.60 -2.64 -2.36
CA ARG A 41 9.58 -3.09 -3.38
C ARG A 41 10.25 -4.41 -2.99
N TRP A 42 10.77 -4.54 -1.77
CA TRP A 42 11.38 -5.78 -1.29
C TRP A 42 10.41 -6.96 -1.32
N LEU A 43 9.16 -6.73 -0.87
CA LEU A 43 8.11 -7.75 -0.82
C LEU A 43 7.75 -8.22 -2.24
N ALA A 44 7.52 -7.30 -3.18
CA ALA A 44 7.28 -7.63 -4.60
C ALA A 44 8.48 -8.31 -5.28
N SER A 45 9.71 -7.94 -4.92
CA SER A 45 10.95 -8.58 -5.41
C SER A 45 11.11 -10.02 -4.89
N SER A 46 10.81 -10.25 -3.61
CA SER A 46 10.81 -11.57 -2.96
C SER A 46 9.67 -12.48 -3.46
N LYS A 47 8.49 -11.90 -3.70
CA LYS A 47 7.26 -12.56 -4.18
C LYS A 47 6.85 -12.03 -5.55
N GLY A 48 7.62 -12.40 -6.58
CA GLY A 48 7.26 -12.18 -7.99
C GLY A 48 5.85 -12.72 -8.30
N LYS A 49 4.90 -11.81 -8.59
CA LYS A 49 3.52 -12.14 -8.96
C LYS A 49 3.44 -12.99 -10.24
N GLN A 50 2.27 -13.58 -10.48
CA GLN A 50 2.00 -14.39 -11.66
C GLN A 50 2.11 -13.54 -12.94
N VAL A 51 3.06 -13.88 -13.82
CA VAL A 51 3.35 -13.20 -15.10
C VAL A 51 3.28 -14.17 -16.30
N ARG A 52 2.69 -15.35 -16.09
CA ARG A 52 2.37 -16.33 -17.15
C ARG A 52 1.47 -15.72 -18.22
N ASN A 53 1.55 -16.30 -19.42
CA ASN A 53 0.78 -15.93 -20.61
C ASN A 53 0.31 -17.21 -21.33
N PHE A 54 -0.87 -17.14 -21.95
CA PHE A 54 -1.55 -18.27 -22.59
C PHE A 54 -2.16 -17.82 -23.92
N SER A 55 -1.92 -18.60 -24.99
CA SER A 55 -2.23 -18.27 -26.40
C SER A 55 -3.16 -19.30 -27.02
ZN ZN B . 2.51 -1.35 -1.09
N GLY A 1 -3.18 -12.24 2.03
CA GLY A 1 -2.91 -12.17 0.57
C GLY A 1 -4.06 -12.78 -0.22
N SER A 2 -4.64 -12.00 -1.14
CA SER A 2 -5.81 -12.38 -1.95
C SER A 2 -5.76 -11.71 -3.34
N GLU A 3 -6.60 -12.16 -4.27
CA GLU A 3 -6.85 -11.44 -5.53
C GLU A 3 -7.45 -10.04 -5.28
N PHE A 4 -7.15 -9.10 -6.17
CA PHE A 4 -7.72 -7.74 -6.16
C PHE A 4 -9.24 -7.73 -6.41
N THR A 5 -9.91 -6.63 -6.03
CA THR A 5 -11.36 -6.43 -6.13
C THR A 5 -11.72 -5.00 -6.58
N SER A 6 -12.99 -4.76 -6.90
CA SER A 6 -13.51 -3.46 -7.35
C SER A 6 -13.46 -2.34 -6.29
N SER A 7 -13.36 -2.68 -5.00
CA SER A 7 -13.31 -1.78 -3.83
C SER A 7 -14.22 -0.53 -3.94
N PRO A 8 -15.55 -0.70 -4.05
CA PRO A 8 -16.50 0.39 -4.30
C PRO A 8 -16.58 1.37 -3.11
N ARG A 9 -16.40 2.67 -3.39
CA ARG A 9 -16.41 3.78 -2.42
C ARG A 9 -16.70 5.11 -3.10
N GLY A 10 -17.12 6.13 -2.34
CA GLY A 10 -17.31 7.51 -2.82
C GLY A 10 -16.01 8.18 -3.28
N ASP A 11 -16.14 9.23 -4.09
CA ASP A 11 -15.00 9.99 -4.64
C ASP A 11 -14.28 10.84 -3.57
N LYS A 12 -12.94 10.79 -3.55
CA LYS A 12 -12.08 11.52 -2.59
C LYS A 12 -10.79 12.08 -3.21
N ALA A 13 -10.18 11.37 -4.17
CA ALA A 13 -8.98 11.78 -4.91
C ALA A 13 -7.83 12.37 -4.06
N ALA A 14 -7.48 11.68 -2.97
CA ALA A 14 -6.47 12.12 -1.97
C ALA A 14 -5.00 12.19 -2.47
N TYR A 15 -4.74 11.88 -3.76
CA TYR A 15 -3.39 11.73 -4.33
C TYR A 15 -2.47 12.97 -4.25
N ASP A 16 -3.01 14.15 -3.91
CA ASP A 16 -2.26 15.40 -3.72
C ASP A 16 -1.83 15.68 -2.26
N ILE A 17 -2.24 14.83 -1.30
CA ILE A 17 -1.93 14.94 0.14
C ILE A 17 -1.44 13.62 0.76
N LEU A 18 -1.93 12.48 0.25
CA LEU A 18 -1.57 11.12 0.68
C LEU A 18 -1.28 10.24 -0.55
N ARG A 19 -0.75 9.04 -0.33
CA ARG A 19 -0.64 7.96 -1.33
C ARG A 19 -1.18 6.66 -0.74
N ARG A 20 -1.82 5.84 -1.58
CA ARG A 20 -2.46 4.56 -1.20
C ARG A 20 -1.82 3.40 -1.96
N CYS A 21 -1.50 2.32 -1.26
CA CYS A 21 -0.81 1.16 -1.82
C CYS A 21 -1.84 0.09 -2.29
N SER A 22 -1.88 -0.17 -3.60
CA SER A 22 -2.83 -1.09 -4.26
C SER A 22 -2.73 -2.57 -3.83
N GLN A 23 -1.71 -2.92 -3.02
CA GLN A 23 -1.46 -4.27 -2.51
C GLN A 23 -1.27 -4.35 -0.98
N CYS A 24 -1.41 -3.21 -0.27
CA CYS A 24 -1.28 -3.12 1.20
C CYS A 24 -2.46 -2.38 1.89
N GLY A 25 -3.14 -1.45 1.19
CA GLY A 25 -4.30 -0.70 1.69
C GLY A 25 -3.99 0.43 2.70
N ILE A 26 -2.74 0.57 3.14
CA ILE A 26 -2.26 1.68 3.99
C ILE A 26 -2.26 3.03 3.23
N LEU A 27 -2.33 4.14 3.98
CA LEU A 27 -2.19 5.51 3.48
C LEU A 27 -1.05 6.23 4.20
N LEU A 28 -0.10 6.79 3.44
CA LEU A 28 1.06 7.54 3.96
C LEU A 28 1.07 8.97 3.37
N PRO A 29 1.57 9.99 4.10
CA PRO A 29 1.66 11.36 3.61
C PRO A 29 2.77 11.53 2.55
N LEU A 30 4.03 11.58 2.96
CA LEU A 30 5.21 11.84 2.10
C LEU A 30 6.53 11.38 2.77
N PRO A 31 6.90 11.85 3.99
CA PRO A 31 8.14 11.42 4.68
C PRO A 31 8.09 10.01 5.30
N ILE A 32 6.94 9.32 5.19
CA ILE A 32 6.73 7.93 5.65
C ILE A 32 6.47 7.00 4.45
N LEU A 33 5.98 7.54 3.32
CA LEU A 33 5.73 6.79 2.08
C LEU A 33 7.01 6.11 1.58
N ASN A 34 8.17 6.77 1.65
CA ASN A 34 9.45 6.18 1.28
C ASN A 34 9.76 4.88 2.05
N GLN A 35 9.51 4.82 3.35
CA GLN A 35 9.74 3.61 4.15
C GLN A 35 8.80 2.46 3.74
N HIS A 36 7.52 2.74 3.46
CA HIS A 36 6.62 1.74 2.88
C HIS A 36 7.14 1.30 1.50
N GLN A 37 7.48 2.24 0.62
CA GLN A 37 7.85 1.98 -0.77
C GLN A 37 9.09 1.07 -0.89
N GLU A 38 10.11 1.24 -0.05
CA GLU A 38 11.25 0.30 -0.01
C GLU A 38 10.84 -1.12 0.44
N LYS A 39 10.06 -1.25 1.53
CA LYS A 39 9.61 -2.55 2.06
C LYS A 39 8.64 -3.28 1.12
N CYS A 40 7.65 -2.56 0.58
CA CYS A 40 6.65 -3.03 -0.35
C CYS A 40 7.31 -3.55 -1.65
N ARG A 41 8.29 -2.79 -2.19
CA ARG A 41 9.13 -3.20 -3.31
C ARG A 41 10.02 -4.41 -2.99
N TRP A 42 10.65 -4.46 -1.81
CA TRP A 42 11.47 -5.60 -1.39
C TRP A 42 10.65 -6.90 -1.36
N LEU A 43 9.47 -6.87 -0.72
CA LEU A 43 8.56 -8.02 -0.67
C LEU A 43 8.10 -8.44 -2.07
N ALA A 44 7.65 -7.49 -2.90
CA ALA A 44 7.20 -7.76 -4.28
C ALA A 44 8.31 -8.34 -5.17
N SER A 45 9.56 -7.87 -5.01
CA SER A 45 10.74 -8.38 -5.72
C SER A 45 11.10 -9.81 -5.30
N SER A 46 11.10 -10.10 -3.99
CA SER A 46 11.35 -11.44 -3.45
C SER A 46 10.22 -12.44 -3.73
N LYS A 47 8.96 -11.99 -3.85
CA LYS A 47 7.77 -12.78 -4.25
C LYS A 47 7.74 -13.05 -5.78
N GLY A 48 8.86 -13.44 -6.36
CA GLY A 48 9.02 -13.72 -7.80
C GLY A 48 8.68 -15.16 -8.23
N LYS A 49 8.25 -16.02 -7.29
CA LYS A 49 8.03 -17.47 -7.49
C LYS A 49 6.89 -17.96 -6.57
N GLN A 50 5.81 -18.49 -7.15
CA GLN A 50 4.65 -19.04 -6.42
C GLN A 50 5.00 -20.26 -5.55
N VAL A 51 4.25 -20.47 -4.47
CA VAL A 51 4.49 -21.50 -3.44
C VAL A 51 3.53 -22.69 -3.51
N ARG A 52 2.85 -22.87 -4.67
CA ARG A 52 1.83 -23.91 -4.94
C ARG A 52 0.70 -23.95 -3.88
N ASN A 53 0.32 -22.79 -3.35
CA ASN A 53 -0.71 -22.62 -2.33
C ASN A 53 -1.42 -21.24 -2.45
N PHE A 54 -2.68 -21.17 -2.01
CA PHE A 54 -3.50 -19.95 -2.07
C PHE A 54 -3.14 -18.91 -0.99
N SER A 55 -2.71 -19.37 0.20
CA SER A 55 -2.35 -18.60 1.42
C SER A 55 -3.20 -17.33 1.67
ZN ZN B . 2.45 -1.69 -0.26
N GLY A 1 -9.12 -12.79 -7.05
CA GLY A 1 -10.11 -12.36 -6.04
C GLY A 1 -9.46 -11.48 -4.98
N SER A 2 -9.78 -10.18 -5.00
CA SER A 2 -9.22 -9.14 -4.11
C SER A 2 -10.27 -8.07 -3.72
N GLU A 3 -11.55 -8.46 -3.72
CA GLU A 3 -12.71 -7.58 -3.54
C GLU A 3 -13.05 -7.30 -2.05
N PHE A 4 -12.29 -7.87 -1.11
CA PHE A 4 -12.48 -7.71 0.35
C PHE A 4 -12.26 -6.25 0.81
N THR A 5 -13.30 -5.61 1.36
CA THR A 5 -13.32 -4.20 1.78
C THR A 5 -14.11 -4.00 3.09
N SER A 6 -13.75 -4.77 4.12
CA SER A 6 -14.45 -4.88 5.41
C SER A 6 -13.75 -4.12 6.55
N SER A 7 -13.36 -2.86 6.28
CA SER A 7 -12.57 -1.99 7.18
C SER A 7 -13.13 -0.55 7.22
N PRO A 8 -14.30 -0.31 7.86
CA PRO A 8 -15.00 0.97 7.90
C PRO A 8 -14.33 2.01 8.84
N ARG A 9 -13.14 2.49 8.47
CA ARG A 9 -12.34 3.48 9.22
C ARG A 9 -11.52 4.37 8.28
N GLY A 10 -11.63 5.70 8.45
CA GLY A 10 -10.78 6.70 7.80
C GLY A 10 -11.50 8.03 7.56
N ASP A 11 -12.33 8.08 6.50
CA ASP A 11 -13.17 9.23 6.08
C ASP A 11 -12.43 10.60 6.00
N LYS A 12 -11.12 10.57 5.70
CA LYS A 12 -10.23 11.75 5.64
C LYS A 12 -10.62 12.82 4.62
N ALA A 13 -10.08 14.04 4.79
CA ALA A 13 -10.22 15.15 3.84
C ALA A 13 -8.92 15.45 3.06
N ALA A 14 -7.75 15.08 3.59
CA ALA A 14 -6.42 15.36 3.04
C ALA A 14 -5.94 14.33 1.99
N TYR A 15 -6.87 13.71 1.24
CA TYR A 15 -6.57 12.68 0.24
C TYR A 15 -5.69 13.16 -0.93
N ASP A 16 -5.53 14.47 -1.11
CA ASP A 16 -4.66 15.10 -2.11
C ASP A 16 -3.17 15.09 -1.73
N ILE A 17 -2.84 14.82 -0.47
CA ILE A 17 -1.46 14.69 0.04
C ILE A 17 -1.18 13.26 0.54
N LEU A 18 -2.12 12.64 1.25
CA LEU A 18 -2.06 11.21 1.60
C LEU A 18 -2.10 10.33 0.34
N ARG A 19 -1.33 9.23 0.32
CA ARG A 19 -1.22 8.32 -0.84
C ARG A 19 -1.35 6.86 -0.39
N ARG A 20 -2.29 6.12 -0.99
CA ARG A 20 -2.59 4.70 -0.68
C ARG A 20 -1.65 3.73 -1.42
N CYS A 21 -1.21 2.67 -0.74
CA CYS A 21 -0.56 1.51 -1.35
C CYS A 21 -1.62 0.62 -2.03
N SER A 22 -1.49 0.41 -3.35
CA SER A 22 -2.38 -0.45 -4.15
C SER A 22 -2.31 -1.95 -3.81
N GLN A 23 -1.38 -2.37 -2.95
CA GLN A 23 -1.18 -3.76 -2.52
C GLN A 23 -1.36 -3.97 -1.00
N CYS A 24 -1.39 -2.88 -0.20
CA CYS A 24 -1.46 -2.93 1.27
C CYS A 24 -2.67 -2.16 1.86
N GLY A 25 -3.25 -1.21 1.13
CA GLY A 25 -4.45 -0.43 1.52
C GLY A 25 -4.20 0.71 2.53
N ILE A 26 -3.04 0.75 3.20
CA ILE A 26 -2.61 1.83 4.09
C ILE A 26 -2.33 3.14 3.32
N LEU A 27 -2.56 4.28 3.97
CA LEU A 27 -2.28 5.63 3.44
C LEU A 27 -1.15 6.29 4.25
N LEU A 28 -0.17 6.89 3.56
CA LEU A 28 0.97 7.58 4.16
C LEU A 28 1.06 9.03 3.63
N PRO A 29 1.61 9.99 4.42
CA PRO A 29 1.68 11.40 4.02
C PRO A 29 2.75 11.68 2.93
N LEU A 30 4.03 11.45 3.22
CA LEU A 30 5.17 11.74 2.33
C LEU A 30 6.48 11.11 2.85
N PRO A 31 6.98 11.46 4.07
CA PRO A 31 8.21 10.87 4.61
C PRO A 31 8.09 9.37 4.93
N ILE A 32 6.87 8.91 5.28
CA ILE A 32 6.59 7.50 5.62
C ILE A 32 6.27 6.67 4.35
N LEU A 33 5.72 7.31 3.30
CA LEU A 33 5.37 6.65 2.03
C LEU A 33 6.61 6.01 1.40
N ASN A 34 7.74 6.73 1.38
CA ASN A 34 9.00 6.24 0.83
C ASN A 34 9.44 4.92 1.50
N GLN A 35 9.43 4.86 2.83
CA GLN A 35 9.78 3.64 3.58
C GLN A 35 8.83 2.48 3.27
N HIS A 36 7.51 2.74 3.20
CA HIS A 36 6.54 1.72 2.78
C HIS A 36 6.82 1.21 1.36
N GLN A 37 7.12 2.11 0.42
CA GLN A 37 7.38 1.79 -0.98
C GLN A 37 8.64 0.91 -1.16
N GLU A 38 9.72 1.19 -0.43
CA GLU A 38 10.92 0.32 -0.42
C GLU A 38 10.60 -1.08 0.14
N LYS A 39 9.73 -1.18 1.16
CA LYS A 39 9.33 -2.46 1.77
C LYS A 39 8.42 -3.28 0.83
N CYS A 40 7.43 -2.65 0.18
CA CYS A 40 6.63 -3.24 -0.89
C CYS A 40 7.52 -3.77 -2.03
N ARG A 41 8.49 -2.97 -2.51
CA ARG A 41 9.50 -3.38 -3.51
C ARG A 41 10.30 -4.60 -3.06
N TRP A 42 10.84 -4.60 -1.83
CA TRP A 42 11.65 -5.70 -1.32
C TRP A 42 10.85 -7.01 -1.23
N LEU A 43 9.63 -6.97 -0.68
CA LEU A 43 8.73 -8.14 -0.60
C LEU A 43 8.37 -8.67 -1.98
N ALA A 44 7.94 -7.81 -2.91
CA ALA A 44 7.56 -8.21 -4.27
C ALA A 44 8.74 -8.79 -5.07
N SER A 45 9.96 -8.24 -4.90
CA SER A 45 11.18 -8.75 -5.54
C SER A 45 11.67 -10.07 -4.92
N SER A 46 11.51 -10.25 -3.61
CA SER A 46 11.84 -11.49 -2.89
C SER A 46 10.86 -12.63 -3.24
N LYS A 47 9.54 -12.33 -3.26
CA LYS A 47 8.45 -13.28 -3.51
C LYS A 47 7.19 -12.61 -4.09
N GLY A 48 7.07 -12.63 -5.42
CA GLY A 48 5.93 -12.10 -6.18
C GLY A 48 5.13 -13.17 -6.97
N LYS A 49 5.47 -14.46 -6.77
CA LYS A 49 4.91 -15.62 -7.49
C LYS A 49 4.76 -16.91 -6.66
N GLN A 50 5.31 -16.93 -5.43
CA GLN A 50 5.33 -18.07 -4.51
C GLN A 50 4.63 -17.71 -3.19
N VAL A 51 3.53 -16.95 -3.28
CA VAL A 51 2.68 -16.45 -2.17
C VAL A 51 1.83 -17.53 -1.48
N ARG A 52 2.17 -18.82 -1.67
CA ARG A 52 1.47 -20.01 -1.17
C ARG A 52 2.47 -20.94 -0.49
N ASN A 53 2.10 -21.50 0.66
CA ASN A 53 2.92 -22.37 1.51
C ASN A 53 2.22 -23.68 1.93
N PHE A 54 0.90 -23.77 1.72
CA PHE A 54 0.08 -24.98 1.84
C PHE A 54 -1.01 -24.97 0.75
N SER A 55 -1.32 -26.13 0.17
CA SER A 55 -2.26 -26.33 -0.95
C SER A 55 -2.81 -27.76 -1.04
ZN ZN B . 2.33 -1.61 0.25
N GLY A 1 -17.86 -5.30 -9.27
CA GLY A 1 -17.14 -6.16 -8.30
C GLY A 1 -17.81 -6.10 -6.94
N SER A 2 -17.30 -5.26 -6.04
CA SER A 2 -17.83 -5.02 -4.68
C SER A 2 -17.89 -3.53 -4.36
N GLU A 3 -18.69 -3.14 -3.35
CA GLU A 3 -18.96 -1.74 -3.00
C GLU A 3 -19.07 -1.55 -1.47
N PHE A 4 -18.04 -0.92 -0.88
CA PHE A 4 -17.93 -0.71 0.57
C PHE A 4 -18.73 0.52 1.04
N THR A 5 -20.05 0.34 1.18
CA THR A 5 -21.05 1.40 1.45
C THR A 5 -21.94 1.08 2.66
N SER A 6 -21.47 0.20 3.55
CA SER A 6 -22.23 -0.47 4.62
C SER A 6 -21.49 -0.41 5.99
N SER A 7 -21.04 0.80 6.36
CA SER A 7 -20.26 1.10 7.57
C SER A 7 -20.85 2.25 8.40
N PRO A 8 -20.55 2.34 9.72
CA PRO A 8 -21.11 3.37 10.60
C PRO A 8 -20.55 4.79 10.36
N ARG A 9 -19.43 4.90 9.66
CA ARG A 9 -18.76 6.15 9.25
C ARG A 9 -18.03 5.99 7.91
N GLY A 10 -17.68 7.10 7.28
CA GLY A 10 -16.89 7.12 6.04
C GLY A 10 -16.51 8.54 5.59
N ASP A 11 -15.41 8.64 4.85
CA ASP A 11 -14.81 9.89 4.35
C ASP A 11 -13.82 9.60 3.19
N LYS A 12 -13.20 10.64 2.65
CA LYS A 12 -12.12 10.54 1.64
C LYS A 12 -11.00 11.54 1.95
N ALA A 13 -9.74 11.09 1.78
CA ALA A 13 -8.52 11.86 2.10
C ALA A 13 -7.43 11.69 1.01
N ALA A 14 -7.86 11.46 -0.24
CA ALA A 14 -6.99 11.28 -1.41
C ALA A 14 -6.69 12.60 -2.18
N TYR A 15 -7.07 13.75 -1.61
CA TYR A 15 -6.94 15.10 -2.21
C TYR A 15 -5.48 15.63 -2.21
N ASP A 16 -4.59 14.93 -2.90
CA ASP A 16 -3.15 15.23 -3.05
C ASP A 16 -2.39 15.43 -1.71
N ILE A 17 -2.86 14.78 -0.65
CA ILE A 17 -2.36 14.88 0.74
C ILE A 17 -1.79 13.55 1.27
N LEU A 18 -2.28 12.42 0.76
CA LEU A 18 -1.86 11.06 1.10
C LEU A 18 -1.76 10.18 -0.17
N ARG A 19 -1.04 9.06 -0.10
CA ARG A 19 -0.94 8.03 -1.16
C ARG A 19 -1.27 6.66 -0.58
N ARG A 20 -2.09 5.88 -1.30
CA ARG A 20 -2.51 4.52 -0.94
C ARG A 20 -1.83 3.47 -1.83
N CYS A 21 -1.52 2.30 -1.26
CA CYS A 21 -0.85 1.19 -1.94
C CYS A 21 -1.86 0.07 -2.28
N SER A 22 -1.93 -0.32 -3.55
CA SER A 22 -2.96 -1.21 -4.12
C SER A 22 -2.95 -2.66 -3.59
N GLN A 23 -1.91 -3.06 -2.84
CA GLN A 23 -1.77 -4.38 -2.21
C GLN A 23 -1.71 -4.32 -0.67
N CYS A 24 -1.80 -3.11 -0.09
CA CYS A 24 -1.55 -2.86 1.34
C CYS A 24 -2.69 -2.09 2.05
N GLY A 25 -3.39 -1.20 1.34
CA GLY A 25 -4.56 -0.45 1.82
C GLY A 25 -4.27 0.73 2.77
N ILE A 26 -3.09 0.77 3.40
CA ILE A 26 -2.61 1.91 4.22
C ILE A 26 -2.43 3.19 3.38
N LEU A 27 -2.55 4.35 4.03
CA LEU A 27 -2.33 5.69 3.45
C LEU A 27 -1.16 6.38 4.18
N LEU A 28 -0.19 6.90 3.43
CA LEU A 28 0.99 7.62 3.95
C LEU A 28 1.10 9.03 3.34
N PRO A 29 1.58 10.06 4.08
CA PRO A 29 1.68 11.43 3.57
C PRO A 29 2.79 11.63 2.52
N LEU A 30 4.06 11.56 2.94
CA LEU A 30 5.24 11.79 2.08
C LEU A 30 6.56 11.30 2.72
N PRO A 31 6.96 11.77 3.94
CA PRO A 31 8.19 11.28 4.58
C PRO A 31 8.08 9.82 5.05
N ILE A 32 6.90 9.41 5.53
CA ILE A 32 6.62 8.03 5.96
C ILE A 32 6.47 7.09 4.75
N LEU A 33 6.02 7.59 3.59
CA LEU A 33 5.85 6.79 2.36
C LEU A 33 7.17 6.13 1.90
N ASN A 34 8.33 6.71 2.22
CA ASN A 34 9.64 6.15 1.90
C ASN A 34 9.83 4.71 2.44
N GLN A 35 9.45 4.45 3.70
CA GLN A 35 9.58 3.12 4.30
C GLN A 35 8.64 2.09 3.63
N HIS A 36 7.44 2.54 3.23
CA HIS A 36 6.49 1.71 2.50
C HIS A 36 6.98 1.39 1.09
N GLN A 37 7.55 2.37 0.38
CA GLN A 37 8.07 2.20 -0.98
C GLN A 37 9.17 1.14 -1.03
N GLU A 38 10.15 1.21 -0.11
CA GLU A 38 11.19 0.18 0.00
C GLU A 38 10.64 -1.19 0.41
N LYS A 39 9.67 -1.25 1.33
CA LYS A 39 9.03 -2.52 1.74
C LYS A 39 8.28 -3.21 0.60
N CYS A 40 7.41 -2.49 -0.12
CA CYS A 40 6.69 -3.02 -1.28
C CYS A 40 7.66 -3.51 -2.38
N ARG A 41 8.71 -2.73 -2.70
CA ARG A 41 9.77 -3.13 -3.63
C ARG A 41 10.48 -4.41 -3.20
N TRP A 42 10.91 -4.49 -1.94
CA TRP A 42 11.60 -5.67 -1.41
C TRP A 42 10.71 -6.92 -1.44
N LEU A 43 9.45 -6.80 -0.98
CA LEU A 43 8.49 -7.91 -0.92
C LEU A 43 8.11 -8.42 -2.32
N ALA A 44 7.87 -7.52 -3.28
CA ALA A 44 7.62 -7.88 -4.68
C ALA A 44 8.83 -8.55 -5.34
N SER A 45 10.06 -8.10 -5.02
CA SER A 45 11.30 -8.67 -5.52
C SER A 45 11.59 -10.07 -4.95
N SER A 46 11.42 -10.27 -3.63
CA SER A 46 11.65 -11.57 -2.97
C SER A 46 10.60 -12.63 -3.31
N LYS A 47 9.34 -12.22 -3.52
CA LYS A 47 8.22 -13.07 -3.98
C LYS A 47 8.28 -13.33 -5.49
N GLY A 48 9.40 -13.89 -5.96
CA GLY A 48 9.72 -14.21 -7.36
C GLY A 48 8.65 -15.04 -8.08
N LYS A 49 7.70 -14.36 -8.74
CA LYS A 49 6.54 -14.94 -9.42
C LYS A 49 6.90 -15.73 -10.68
N GLN A 50 5.95 -16.51 -11.20
CA GLN A 50 6.08 -17.35 -12.40
C GLN A 50 5.03 -17.06 -13.50
N VAL A 51 4.33 -15.92 -13.39
CA VAL A 51 3.36 -15.43 -14.39
C VAL A 51 3.97 -15.23 -15.79
N ARG A 52 3.12 -15.21 -16.81
CA ARG A 52 3.48 -14.92 -18.21
C ARG A 52 4.17 -13.55 -18.32
N ASN A 53 5.25 -13.48 -19.11
CA ASN A 53 6.11 -12.31 -19.27
C ASN A 53 6.57 -12.19 -20.73
N PHE A 54 5.85 -11.39 -21.52
CA PHE A 54 6.10 -11.20 -22.96
C PHE A 54 5.70 -9.77 -23.39
N SER A 55 6.45 -9.19 -24.34
CA SER A 55 6.29 -7.80 -24.84
C SER A 55 4.93 -7.52 -25.49
ZN ZN B . 2.36 -1.29 -0.52
N GLY A 1 8.70 -14.88 6.82
CA GLY A 1 8.90 -15.14 8.27
C GLY A 1 7.58 -15.50 8.94
N SER A 2 7.08 -14.61 9.80
CA SER A 2 5.83 -14.77 10.56
C SER A 2 5.02 -13.47 10.57
N GLU A 3 3.70 -13.58 10.70
CA GLU A 3 2.79 -12.43 10.84
C GLU A 3 2.83 -11.81 12.25
N PHE A 4 2.31 -10.59 12.38
CA PHE A 4 2.25 -9.79 13.62
C PHE A 4 0.91 -9.06 13.75
N THR A 5 0.65 -8.43 14.91
CA THR A 5 -0.51 -7.55 15.12
C THR A 5 -0.52 -6.36 14.14
N SER A 6 -1.70 -5.83 13.86
CA SER A 6 -1.92 -4.65 13.00
C SER A 6 -3.10 -3.83 13.52
N SER A 7 -2.83 -2.57 13.86
CA SER A 7 -3.77 -1.65 14.53
C SER A 7 -3.72 -0.23 13.92
N PRO A 8 -4.00 -0.08 12.61
CA PRO A 8 -3.91 1.19 11.89
C PRO A 8 -4.98 2.20 12.33
N ARG A 9 -4.77 3.47 11.98
CA ARG A 9 -5.72 4.59 12.16
C ARG A 9 -6.99 4.40 11.32
N GLY A 10 -8.04 5.16 11.65
CA GLY A 10 -9.30 5.23 10.90
C GLY A 10 -9.15 5.90 9.52
N ASP A 11 -10.27 5.96 8.78
CA ASP A 11 -10.37 6.65 7.48
C ASP A 11 -10.04 8.15 7.55
N LYS A 12 -9.58 8.72 6.42
CA LYS A 12 -9.27 10.16 6.28
C LYS A 12 -9.79 10.71 4.94
N ALA A 13 -10.60 11.77 5.01
CA ALA A 13 -11.30 12.42 3.89
C ALA A 13 -10.38 13.31 3.00
N ALA A 14 -9.18 12.84 2.66
CA ALA A 14 -8.18 13.61 1.89
C ALA A 14 -8.13 13.18 0.41
N TYR A 15 -7.62 11.98 0.11
CA TYR A 15 -7.40 11.43 -1.24
C TYR A 15 -6.68 12.39 -2.24
N ASP A 16 -5.86 13.32 -1.73
CA ASP A 16 -5.14 14.34 -2.53
C ASP A 16 -3.65 14.44 -2.13
N ILE A 17 -3.36 14.76 -0.85
CA ILE A 17 -1.99 14.78 -0.32
C ILE A 17 -1.50 13.38 0.08
N LEU A 18 -2.36 12.59 0.76
CA LEU A 18 -2.07 11.20 1.11
C LEU A 18 -1.91 10.33 -0.15
N ARG A 19 -1.10 9.29 -0.04
CA ARG A 19 -0.94 8.23 -1.05
C ARG A 19 -1.22 6.87 -0.41
N ARG A 20 -1.88 5.98 -1.16
CA ARG A 20 -2.26 4.62 -0.73
C ARG A 20 -1.65 3.55 -1.63
N CYS A 21 -1.53 2.34 -1.08
CA CYS A 21 -1.01 1.17 -1.78
C CYS A 21 -2.18 0.28 -2.25
N SER A 22 -2.23 -0.01 -3.56
CA SER A 22 -3.26 -0.86 -4.20
C SER A 22 -3.22 -2.33 -3.77
N GLN A 23 -2.25 -2.72 -2.93
CA GLN A 23 -2.11 -4.07 -2.36
C GLN A 23 -2.13 -4.05 -0.82
N CYS A 24 -1.45 -3.09 -0.19
CA CYS A 24 -1.30 -3.03 1.27
C CYS A 24 -2.48 -2.31 1.99
N GLY A 25 -3.17 -1.39 1.30
CA GLY A 25 -4.35 -0.66 1.81
C GLY A 25 -4.08 0.51 2.76
N ILE A 26 -2.89 0.61 3.36
CA ILE A 26 -2.43 1.72 4.22
C ILE A 26 -2.32 3.06 3.45
N LEU A 27 -2.37 4.19 4.17
CA LEU A 27 -2.21 5.55 3.65
C LEU A 27 -1.06 6.28 4.38
N LEU A 28 -0.18 6.95 3.62
CA LEU A 28 0.97 7.73 4.12
C LEU A 28 0.99 9.15 3.52
N PRO A 29 1.55 10.16 4.21
CA PRO A 29 1.61 11.54 3.72
C PRO A 29 2.65 11.72 2.58
N LEU A 30 3.95 11.65 2.89
CA LEU A 30 5.05 11.83 1.95
C LEU A 30 6.40 11.27 2.50
N PRO A 31 6.94 11.71 3.66
CA PRO A 31 8.22 11.19 4.15
C PRO A 31 8.13 9.74 4.66
N ILE A 32 7.03 9.34 5.31
CA ILE A 32 6.81 7.96 5.77
C ILE A 32 6.53 6.99 4.60
N LEU A 33 6.02 7.50 3.46
CA LEU A 33 5.84 6.70 2.23
C LEU A 33 7.15 6.07 1.75
N ASN A 34 8.31 6.67 2.03
CA ASN A 34 9.63 6.09 1.74
C ASN A 34 9.80 4.68 2.33
N GLN A 35 9.42 4.47 3.59
CA GLN A 35 9.45 3.15 4.25
C GLN A 35 8.49 2.17 3.54
N HIS A 36 7.31 2.63 3.12
CA HIS A 36 6.37 1.80 2.38
C HIS A 36 6.92 1.38 1.01
N GLN A 37 7.51 2.29 0.24
CA GLN A 37 8.10 2.00 -1.06
C GLN A 37 9.21 0.95 -0.95
N GLU A 38 10.13 1.09 0.01
CA GLU A 38 11.18 0.09 0.22
C GLU A 38 10.61 -1.29 0.62
N LYS A 39 9.60 -1.36 1.49
CA LYS A 39 8.94 -2.62 1.86
C LYS A 39 8.19 -3.27 0.69
N CYS A 40 7.35 -2.53 -0.04
CA CYS A 40 6.64 -3.02 -1.22
C CYS A 40 7.61 -3.56 -2.29
N ARG A 41 8.68 -2.80 -2.60
CA ARG A 41 9.73 -3.24 -3.55
C ARG A 41 10.50 -4.48 -3.06
N TRP A 42 10.86 -4.53 -1.78
CA TRP A 42 11.56 -5.69 -1.20
C TRP A 42 10.71 -6.97 -1.27
N LEU A 43 9.43 -6.90 -0.90
CA LEU A 43 8.53 -8.04 -1.01
C LEU A 43 8.30 -8.44 -2.47
N ALA A 44 8.14 -7.47 -3.37
CA ALA A 44 7.98 -7.71 -4.80
C ALA A 44 9.20 -8.43 -5.45
N SER A 45 10.43 -8.06 -5.10
CA SER A 45 11.64 -8.75 -5.59
C SER A 45 11.92 -10.09 -4.89
N SER A 46 11.48 -10.25 -3.63
CA SER A 46 11.56 -11.51 -2.85
C SER A 46 10.53 -12.57 -3.32
N LYS A 47 9.43 -12.15 -3.95
CA LYS A 47 8.30 -12.99 -4.40
C LYS A 47 8.11 -12.89 -5.93
N GLY A 48 6.99 -13.41 -6.44
CA GLY A 48 6.62 -13.37 -7.86
C GLY A 48 5.82 -12.11 -8.23
N LYS A 49 6.45 -11.18 -8.96
CA LYS A 49 5.88 -9.92 -9.45
C LYS A 49 6.46 -9.51 -10.82
N GLN A 50 5.88 -8.48 -11.44
CA GLN A 50 6.37 -7.84 -12.67
C GLN A 50 7.67 -7.04 -12.41
N VAL A 51 8.81 -7.74 -12.43
CA VAL A 51 10.18 -7.19 -12.29
C VAL A 51 10.96 -7.34 -13.62
N ARG A 52 12.29 -7.14 -13.60
CA ARG A 52 13.17 -7.25 -14.77
C ARG A 52 14.34 -8.21 -14.49
N ASN A 53 14.89 -8.82 -15.55
CA ASN A 53 16.07 -9.68 -15.45
C ASN A 53 17.35 -8.94 -15.04
N PHE A 54 17.38 -7.60 -15.20
CA PHE A 54 18.51 -6.72 -14.92
C PHE A 54 18.34 -5.89 -13.62
N SER A 55 17.14 -5.88 -13.01
CA SER A 55 16.79 -5.06 -11.84
C SER A 55 15.63 -5.67 -11.04
ZN ZN B . 2.28 -1.56 -0.42
N GLY A 1 -10.30 4.76 -17.29
CA GLY A 1 -10.59 4.69 -15.84
C GLY A 1 -10.98 6.05 -15.29
N SER A 2 -12.28 6.36 -15.26
CA SER A 2 -12.82 7.64 -14.76
C SER A 2 -12.79 7.79 -13.23
N GLU A 3 -12.85 6.68 -12.48
CA GLU A 3 -12.57 6.60 -11.04
C GLU A 3 -12.03 5.22 -10.63
N PHE A 4 -11.51 5.10 -9.41
CA PHE A 4 -10.94 3.86 -8.86
C PHE A 4 -11.85 3.22 -7.79
N THR A 5 -12.18 3.99 -6.75
CA THR A 5 -13.08 3.64 -5.64
C THR A 5 -13.40 4.88 -4.80
N SER A 6 -14.50 4.86 -4.03
CA SER A 6 -14.90 5.92 -3.10
C SER A 6 -15.80 5.36 -1.99
N SER A 7 -15.16 4.81 -0.95
CA SER A 7 -15.80 4.12 0.19
C SER A 7 -15.14 4.49 1.54
N PRO A 8 -15.15 5.77 1.95
CA PRO A 8 -14.61 6.22 3.23
C PRO A 8 -15.41 5.65 4.43
N ARG A 9 -14.78 5.64 5.62
CA ARG A 9 -15.33 5.03 6.87
C ARG A 9 -15.25 5.98 8.07
N GLY A 10 -15.54 7.25 7.84
CA GLY A 10 -15.71 8.30 8.86
C GLY A 10 -14.92 9.56 8.51
N ASP A 11 -13.58 9.45 8.53
CA ASP A 11 -12.65 10.47 8.03
C ASP A 11 -12.44 10.34 6.51
N LYS A 12 -12.46 11.46 5.79
CA LYS A 12 -12.27 11.51 4.33
C LYS A 12 -10.83 11.18 3.92
N ALA A 13 -9.84 11.82 4.56
CA ALA A 13 -8.40 11.67 4.32
C ALA A 13 -7.99 11.55 2.83
N ALA A 14 -8.42 12.52 2.00
CA ALA A 14 -8.28 12.46 0.53
C ALA A 14 -7.92 13.83 -0.12
N TYR A 15 -7.15 14.68 0.57
CA TYR A 15 -6.66 15.99 0.10
C TYR A 15 -5.66 15.96 -1.09
N ASP A 16 -5.59 14.86 -1.85
CA ASP A 16 -4.66 14.62 -2.97
C ASP A 16 -3.17 14.87 -2.61
N ILE A 17 -2.78 14.45 -1.41
CA ILE A 17 -1.41 14.51 -0.86
C ILE A 17 -0.99 13.15 -0.30
N LEU A 18 -1.87 12.48 0.45
CA LEU A 18 -1.72 11.08 0.89
C LEU A 18 -1.61 10.14 -0.33
N ARG A 19 -0.85 9.05 -0.19
CA ARG A 19 -0.61 8.04 -1.22
C ARG A 19 -0.93 6.66 -0.66
N ARG A 20 -1.70 5.86 -1.40
CA ARG A 20 -2.18 4.52 -1.01
C ARG A 20 -1.45 3.41 -1.74
N CYS A 21 -1.14 2.33 -1.02
CA CYS A 21 -0.56 1.11 -1.57
C CYS A 21 -1.65 0.23 -2.20
N SER A 22 -1.51 -0.10 -3.49
CA SER A 22 -2.46 -0.94 -4.25
C SER A 22 -2.56 -2.39 -3.73
N GLN A 23 -1.62 -2.85 -2.90
CA GLN A 23 -1.61 -4.20 -2.31
C GLN A 23 -1.81 -4.17 -0.78
N CYS A 24 -1.27 -3.17 -0.07
CA CYS A 24 -1.30 -3.10 1.39
C CYS A 24 -2.54 -2.34 1.94
N GLY A 25 -3.15 -1.46 1.13
CA GLY A 25 -4.36 -0.69 1.45
C GLY A 25 -4.16 0.52 2.38
N ILE A 26 -3.02 0.61 3.08
CA ILE A 26 -2.63 1.72 3.96
C ILE A 26 -2.37 3.02 3.16
N LEU A 27 -2.53 4.18 3.83
CA LEU A 27 -2.24 5.52 3.31
C LEU A 27 -1.13 6.18 4.14
N LEU A 28 -0.14 6.77 3.47
CA LEU A 28 0.98 7.50 4.09
C LEU A 28 1.12 8.92 3.46
N PRO A 29 1.62 9.94 4.19
CA PRO A 29 1.70 11.32 3.69
C PRO A 29 2.82 11.52 2.65
N LEU A 30 4.09 11.44 3.06
CA LEU A 30 5.27 11.63 2.19
C LEU A 30 6.57 11.04 2.78
N PRO A 31 7.05 11.45 3.98
CA PRO A 31 8.30 10.90 4.52
C PRO A 31 8.18 9.42 4.95
N ILE A 32 7.03 9.01 5.50
CA ILE A 32 6.74 7.61 5.85
C ILE A 32 6.38 6.78 4.60
N LEU A 33 5.82 7.41 3.55
CA LEU A 33 5.51 6.75 2.28
C LEU A 33 6.77 6.13 1.66
N ASN A 34 7.90 6.85 1.67
CA ASN A 34 9.17 6.33 1.15
C ASN A 34 9.62 5.03 1.86
N GLN A 35 9.43 4.94 3.19
CA GLN A 35 9.71 3.72 3.96
C GLN A 35 8.78 2.56 3.55
N HIS A 36 7.48 2.81 3.37
CA HIS A 36 6.58 1.78 2.81
C HIS A 36 7.04 1.36 1.41
N GLN A 37 7.34 2.31 0.52
CA GLN A 37 7.68 2.05 -0.87
C GLN A 37 8.88 1.10 -1.01
N GLU A 38 9.94 1.30 -0.22
CA GLU A 38 11.11 0.40 -0.21
C GLU A 38 10.77 -1.01 0.30
N LYS A 39 10.06 -1.14 1.44
CA LYS A 39 9.67 -2.45 2.00
C LYS A 39 8.71 -3.22 1.08
N CYS A 40 7.69 -2.54 0.58
CA CYS A 40 6.66 -3.08 -0.29
C CYS A 40 7.27 -3.57 -1.63
N ARG A 41 8.19 -2.78 -2.22
CA ARG A 41 9.01 -3.17 -3.38
C ARG A 41 9.92 -4.35 -3.09
N TRP A 42 10.63 -4.36 -1.95
CA TRP A 42 11.52 -5.45 -1.57
C TRP A 42 10.77 -6.79 -1.47
N LEU A 43 9.63 -6.81 -0.78
CA LEU A 43 8.77 -8.00 -0.67
C LEU A 43 8.19 -8.44 -2.02
N ALA A 44 7.71 -7.50 -2.84
CA ALA A 44 7.21 -7.79 -4.19
C ALA A 44 8.30 -8.35 -5.12
N SER A 45 9.57 -7.95 -4.94
CA SER A 45 10.72 -8.46 -5.68
C SER A 45 11.17 -9.85 -5.21
N SER A 46 11.31 -10.07 -3.89
CA SER A 46 11.77 -11.34 -3.31
C SER A 46 10.72 -12.46 -3.33
N LYS A 47 9.43 -12.10 -3.29
CA LYS A 47 8.25 -12.99 -3.21
C LYS A 47 7.16 -12.53 -4.18
N GLY A 48 7.49 -12.45 -5.47
CA GLY A 48 6.60 -12.05 -6.58
C GLY A 48 5.50 -13.06 -6.95
N LYS A 49 4.95 -13.78 -5.96
CA LYS A 49 3.84 -14.75 -6.12
C LYS A 49 2.53 -14.06 -6.56
N GLN A 50 1.60 -14.86 -7.10
CA GLN A 50 0.34 -14.39 -7.70
C GLN A 50 -0.84 -15.28 -7.26
N VAL A 51 -1.09 -15.32 -5.95
CA VAL A 51 -2.18 -16.09 -5.30
C VAL A 51 -3.60 -15.60 -5.65
N ARG A 52 -3.74 -14.43 -6.27
CA ARG A 52 -5.00 -13.82 -6.72
C ARG A 52 -5.71 -14.69 -7.78
N ASN A 53 -6.97 -15.05 -7.53
CA ASN A 53 -7.75 -15.89 -8.46
C ASN A 53 -8.37 -15.07 -9.61
N PHE A 54 -9.20 -14.06 -9.29
CA PHE A 54 -9.84 -13.13 -10.24
C PHE A 54 -10.30 -11.83 -9.56
N SER A 55 -10.57 -10.79 -10.35
CA SER A 55 -11.02 -9.45 -9.91
C SER A 55 -12.46 -9.45 -9.36
ZN ZN B . 2.39 -1.91 0.04
#